data_7PSG
#
_entry.id   7PSG
#
_cell.length_a   80.776
_cell.length_b   83.437
_cell.length_c   94.912
_cell.angle_alpha   90.000
_cell.angle_beta   106.861
_cell.angle_gamma   90.000
#
_symmetry.space_group_name_H-M   'P 1 21 1'
#
loop_
_entity.id
_entity.type
_entity.pdbx_description
1 polymer 'Methyl-accepting chemotaxis protein'
2 non-polymer 'TRIMETHYL GLYCINE'
3 non-polymer GLYCEROL
4 water water
#
_entity_poly.entity_id   1
_entity_poly.type   'polypeptide(L)'
_entity_poly.pdbx_seq_one_letter_code
;MGSSHHHHHHSSGLVPRGSHSWQSSSEQKSLAERYLQQIAQSEALRIQQELNYARDVAHNLGQGLAALPSAGIKDRAVVD
KMMEYALRDNPEYLSISVIFEENVFDGRDAEFADQPGQAPKGRYAWFVDRDQAGNYAMHPLLSYLTPGQGDYYLLPQKSQ
KDTLIEPYTYAYNGVPTLLTSVAAPIVSQGKLWGVVTSDISLASLQQKINQIKPWEGGGYAMLLSSAGKVISYPDKSQTS
KAWQGPTDNFTSSVVQHDDAILGEQALVTWQPVTIGNSTEKWYLGIVVPVSQVMAASERQL
;
_entity_poly.pdbx_strand_id   A,B,C,D
#
loop_
_chem_comp.id
_chem_comp.type
_chem_comp.name
_chem_comp.formula
BET non-polymer 'TRIMETHYL GLYCINE' 'C5 H12 N O2 1'
GOL non-polymer GLYCEROL 'C3 H8 O3'
#
# COMPACT_ATOMS: atom_id res chain seq x y z
N SER A 30 -8.91 -17.71 48.50
CA SER A 30 -10.29 -17.95 48.09
C SER A 30 -10.54 -17.74 46.62
N LEU A 31 -11.49 -18.49 46.06
CA LEU A 31 -11.70 -18.42 44.62
C LEU A 31 -12.32 -17.09 44.23
N ALA A 32 -13.31 -16.64 45.00
CA ALA A 32 -13.94 -15.35 44.73
C ALA A 32 -12.91 -14.23 44.71
N GLU A 33 -12.04 -14.19 45.71
CA GLU A 33 -11.09 -13.08 45.82
C GLU A 33 -10.05 -13.12 44.71
N ARG A 34 -9.61 -14.33 44.32
CA ARG A 34 -8.70 -14.39 43.18
C ARG A 34 -9.38 -13.92 41.91
N TYR A 35 -10.65 -14.29 41.73
CA TYR A 35 -11.40 -13.82 40.56
C TYR A 35 -11.48 -12.30 40.55
N LEU A 36 -11.81 -11.71 41.71
CA LEU A 36 -11.84 -10.26 41.82
C LEU A 36 -10.47 -9.65 41.52
N GLN A 37 -9.41 -10.25 42.04
CA GLN A 37 -8.06 -9.75 41.77
C GLN A 37 -7.76 -9.79 40.28
N GLN A 38 -8.26 -10.82 39.58
CA GLN A 38 -8.01 -11.00 38.15
C GLN A 38 -8.76 -9.95 37.33
N ILE A 39 -10.01 -9.64 37.73
CA ILE A 39 -10.74 -8.55 37.10
C ILE A 39 -9.95 -7.25 37.19
N ALA A 40 -9.47 -6.95 38.40
CA ALA A 40 -8.67 -5.74 38.60
C ALA A 40 -7.44 -5.74 37.71
N GLN A 41 -6.80 -6.90 37.55
CA GLN A 41 -5.63 -7.01 36.66
C GLN A 41 -5.99 -6.67 35.22
N SER A 42 -7.06 -7.30 34.70
CA SER A 42 -7.52 -7.01 33.35
C SER A 42 -7.80 -5.53 33.16
N GLU A 43 -8.46 -4.89 34.13
CA GLU A 43 -8.84 -3.49 33.95
C GLU A 43 -7.63 -2.57 34.05
N ALA A 44 -6.69 -2.88 34.95
CA ALA A 44 -5.47 -2.09 35.01
C ALA A 44 -4.67 -2.25 33.71
N LEU A 45 -4.72 -3.42 33.07
CA LEU A 45 -3.99 -3.60 31.82
C LEU A 45 -4.60 -2.75 30.71
N ARG A 46 -5.94 -2.66 30.69
CA ARG A 46 -6.58 -1.83 29.68
C ARG A 46 -6.18 -0.37 29.82
N ILE A 47 -6.28 0.18 31.03
CA ILE A 47 -5.95 1.60 31.18
C ILE A 47 -4.46 1.79 30.96
N GLN A 48 -3.65 0.82 31.38
CA GLN A 48 -2.23 0.82 31.08
C GLN A 48 -1.94 0.85 29.58
N GLN A 49 -2.75 0.17 28.78
CA GLN A 49 -2.55 0.28 27.33
CA GLN A 49 -2.61 0.27 27.32
C GLN A 49 -2.81 1.70 26.85
N GLU A 50 -3.80 2.38 27.41
CA GLU A 50 -4.10 3.76 27.00
C GLU A 50 -2.94 4.69 27.33
N LEU A 51 -2.39 4.58 28.53
CA LEU A 51 -1.31 5.45 28.94
C LEU A 51 -0.01 5.11 28.21
N ASN A 52 0.25 3.83 27.97
CA ASN A 52 1.44 3.47 27.19
C ASN A 52 1.33 3.98 25.77
N TYR A 53 0.13 3.94 25.20
CA TYR A 53 -0.03 4.50 23.88
C TYR A 53 0.47 5.95 23.88
N ALA A 54 0.05 6.71 24.88
CA ALA A 54 0.47 8.11 25.00
C ALA A 54 1.97 8.23 25.20
N ARG A 55 2.55 7.39 26.05
CA ARG A 55 4.00 7.38 26.20
C ARG A 55 4.68 7.10 24.86
N ASP A 56 4.12 6.17 24.09
CA ASP A 56 4.74 5.76 22.83
C ASP A 56 4.71 6.93 21.81
N VAL A 57 3.57 7.59 21.68
CA VAL A 57 3.51 8.76 20.83
C VAL A 57 4.65 9.72 21.19
N ALA A 58 4.83 9.99 22.49
CA ALA A 58 5.86 10.94 22.89
C ALA A 58 7.24 10.35 22.69
N HIS A 59 7.44 9.08 23.08
CA HIS A 59 8.77 8.47 22.99
C HIS A 59 9.21 8.30 21.53
N ASN A 60 8.31 7.87 20.64
CA ASN A 60 8.69 7.60 19.26
C ASN A 60 8.87 8.91 18.49
N LEU A 61 8.05 9.94 18.80
CA LEU A 61 8.29 11.26 18.24
C LEU A 61 9.68 11.73 18.63
N GLY A 62 10.10 11.46 19.87
CA GLY A 62 11.40 11.91 20.34
C GLY A 62 12.56 11.25 19.60
N GLN A 63 12.46 9.93 19.37
CA GLN A 63 13.51 9.23 18.63
C GLN A 63 13.65 9.79 17.22
N GLY A 64 12.55 10.16 16.58
CA GLY A 64 12.66 10.74 15.25
C GLY A 64 13.26 12.13 15.24
N LEU A 65 12.96 12.92 16.27
CA LEU A 65 13.49 14.27 16.39
C LEU A 65 14.98 14.25 16.64
N ALA A 66 15.46 13.24 17.40
CA ALA A 66 16.88 13.11 17.67
C ALA A 66 17.65 12.67 16.44
N ALA A 67 16.98 12.09 15.46
CA ALA A 67 17.61 11.65 14.22
C ALA A 67 17.87 12.82 13.29
N LEU A 68 17.18 13.93 13.52
CA LEU A 68 17.25 15.08 12.61
C LEU A 68 18.63 15.71 12.62
N PRO A 69 19.24 16.01 13.76
CA PRO A 69 20.59 16.60 13.69
C PRO A 69 21.60 15.70 13.01
N SER A 70 21.49 14.39 13.23
CA SER A 70 22.37 13.42 12.59
C SER A 70 22.27 13.52 11.07
N ALA A 71 21.05 13.61 10.56
CA ALA A 71 20.81 13.75 9.14
C ALA A 71 21.03 15.16 8.63
N GLY A 72 21.47 16.09 9.48
CA GLY A 72 21.84 17.43 9.05
C GLY A 72 20.69 18.42 9.04
N ILE A 73 19.55 18.07 9.61
CA ILE A 73 18.38 18.94 9.65
C ILE A 73 18.47 19.76 10.94
N LYS A 74 18.48 21.09 10.81
CA LYS A 74 18.71 21.98 11.94
C LYS A 74 17.64 23.06 12.04
N ASP A 75 16.48 22.86 11.44
CA ASP A 75 15.45 23.89 11.30
C ASP A 75 14.34 23.58 12.29
N ARG A 76 14.15 24.49 13.26
CA ARG A 76 13.13 24.31 14.28
C ARG A 76 11.75 24.25 13.68
N ALA A 77 11.54 24.83 12.49
CA ALA A 77 10.23 24.64 11.87
C ALA A 77 9.97 23.17 11.51
N VAL A 78 11.02 22.35 11.34
CA VAL A 78 10.79 20.93 11.08
C VAL A 78 10.27 20.23 12.32
N VAL A 79 10.80 20.59 13.50
CA VAL A 79 10.28 20.02 14.73
C VAL A 79 8.82 20.43 14.90
N ASP A 80 8.50 21.69 14.60
CA ASP A 80 7.12 22.14 14.76
C ASP A 80 6.17 21.25 13.94
N LYS A 81 6.55 20.95 12.69
CA LYS A 81 5.67 20.21 11.81
C LYS A 81 5.51 18.76 12.26
N MET A 82 6.60 18.12 12.71
CA MET A 82 6.49 16.77 13.26
C MET A 82 5.59 16.72 14.50
N MET A 83 5.72 17.69 15.39
CA MET A 83 4.84 17.74 16.54
C MET A 83 3.38 17.92 16.10
N GLU A 84 3.15 18.83 15.15
CA GLU A 84 1.81 19.01 14.59
C GLU A 84 1.21 17.69 14.10
N TYR A 85 1.97 16.93 13.31
CA TYR A 85 1.37 15.71 12.79
C TYR A 85 1.06 14.70 13.89
N ALA A 86 1.87 14.66 14.95
CA ALA A 86 1.58 13.80 16.09
C ALA A 86 0.27 14.22 16.79
N LEU A 87 0.09 15.54 17.02
CA LEU A 87 -1.16 15.97 17.64
C LEU A 87 -2.34 15.70 16.71
N ARG A 88 -2.15 15.94 15.40
CA ARG A 88 -3.20 15.67 14.43
C ARG A 88 -3.69 14.23 14.54
N ASP A 89 -2.77 13.32 14.83
CA ASP A 89 -3.12 11.90 14.82
C ASP A 89 -3.79 11.47 16.12
N ASN A 90 -3.95 12.41 17.05
CA ASN A 90 -4.43 12.13 18.40
C ASN A 90 -5.38 13.24 18.79
N PRO A 91 -6.57 13.25 18.20
CA PRO A 91 -7.50 14.38 18.39
C PRO A 91 -7.95 14.63 19.82
N GLU A 92 -7.86 13.64 20.71
CA GLU A 92 -8.30 13.85 22.08
CA GLU A 92 -8.30 13.85 22.08
C GLU A 92 -7.20 14.41 22.97
N TYR A 93 -5.94 14.39 22.54
CA TYR A 93 -4.88 14.92 23.35
C TYR A 93 -5.05 16.44 23.47
N LEU A 94 -4.62 17.00 24.61
CA LEU A 94 -4.68 18.45 24.75
C LEU A 94 -3.53 19.13 24.01
N SER A 95 -2.36 18.52 24.01
CA SER A 95 -1.20 19.09 23.33
C SER A 95 -0.07 18.07 23.35
N ILE A 96 0.93 18.31 22.49
CA ILE A 96 2.25 17.68 22.60
C ILE A 96 3.27 18.76 22.92
N SER A 97 4.17 18.47 23.86
CA SER A 97 5.24 19.37 24.26
C SER A 97 6.61 18.76 24.00
N VAL A 98 7.57 19.58 23.57
CA VAL A 98 8.92 19.13 23.25
C VAL A 98 9.92 20.07 23.88
N ILE A 99 10.85 19.52 24.67
CA ILE A 99 11.94 20.28 25.26
C ILE A 99 13.23 19.57 24.93
N PHE A 100 14.05 20.18 24.09
CA PHE A 100 15.39 19.71 23.87
C PHE A 100 16.30 20.19 24.99
N GLU A 101 17.36 19.41 25.27
CA GLU A 101 18.38 19.89 26.16
C GLU A 101 19.02 21.15 25.56
N GLU A 102 19.77 21.88 26.38
CA GLU A 102 20.41 23.11 25.97
C GLU A 102 21.25 22.90 24.70
N ASN A 103 20.87 23.62 23.64
CA ASN A 103 21.66 23.78 22.42
C ASN A 103 21.84 22.52 21.59
N VAL A 104 21.37 21.36 22.04
CA VAL A 104 21.75 20.13 21.37
C VAL A 104 21.13 19.99 19.99
N PHE A 105 20.06 20.72 19.69
CA PHE A 105 19.39 20.52 18.41
C PHE A 105 20.14 21.24 17.30
N ASP A 106 20.34 22.56 17.48
CA ASP A 106 20.97 23.38 16.47
C ASP A 106 22.08 24.26 16.99
N GLY A 107 22.31 24.32 18.30
CA GLY A 107 23.35 25.14 18.82
C GLY A 107 23.06 26.63 18.83
N ARG A 108 21.80 27.04 18.69
CA ARG A 108 21.50 28.46 18.53
C ARG A 108 20.62 29.03 19.64
N ASP A 109 20.60 28.42 20.83
CA ASP A 109 19.72 28.94 21.87
C ASP A 109 19.99 30.41 22.17
N ALA A 110 21.26 30.85 22.09
CA ALA A 110 21.59 32.24 22.42
C ALA A 110 20.98 33.23 21.43
N GLU A 111 20.81 32.84 20.17
CA GLU A 111 20.20 33.75 19.21
C GLU A 111 18.72 33.97 19.52
N PHE A 112 18.02 32.94 20.00
CA PHE A 112 16.62 33.06 20.37
C PHE A 112 16.42 33.58 21.79
N ALA A 113 17.48 33.69 22.58
CA ALA A 113 17.38 33.73 24.05
C ALA A 113 16.33 34.73 24.54
N ASP A 114 16.48 36.01 24.20
CA ASP A 114 15.61 37.03 24.76
C ASP A 114 14.62 37.62 23.76
N GLN A 115 14.46 36.98 22.60
CA GLN A 115 13.57 37.49 21.58
C GLN A 115 12.11 37.36 22.02
N PRO A 116 11.22 38.16 21.43
CA PRO A 116 9.80 38.09 21.83
C PRO A 116 9.15 36.79 21.41
N GLY A 117 8.36 36.23 22.32
CA GLY A 117 7.60 35.02 22.04
C GLY A 117 8.37 33.73 22.18
N GLN A 118 9.61 33.79 22.68
CA GLN A 118 10.45 32.61 22.82
C GLN A 118 10.36 32.04 24.24
N ALA A 119 10.96 30.88 24.41
CA ALA A 119 11.01 30.20 25.68
C ALA A 119 12.22 30.65 26.46
N PRO A 120 12.21 30.44 27.79
CA PRO A 120 13.37 30.84 28.62
C PRO A 120 14.71 30.43 28.03
N LYS A 121 15.63 31.38 27.94
CA LYS A 121 16.99 31.15 27.48
C LYS A 121 17.09 30.63 26.05
N GLY A 122 16.09 30.86 25.20
CA GLY A 122 16.20 30.47 23.80
C GLY A 122 16.06 28.98 23.51
N ARG A 123 15.74 28.19 24.51
CA ARG A 123 15.62 26.75 24.37
C ARG A 123 14.58 26.38 23.32
N TYR A 124 14.81 25.29 22.60
CA TYR A 124 13.68 24.72 21.88
C TYR A 124 12.77 24.09 22.94
N ALA A 125 11.83 24.86 23.48
CA ALA A 125 10.87 24.35 24.46
C ALA A 125 9.51 24.88 24.02
N TRP A 126 8.76 24.03 23.31
CA TRP A 126 7.53 24.44 22.64
C TRP A 126 6.45 23.38 22.84
N PHE A 127 5.19 23.81 22.71
CA PHE A 127 4.14 22.82 22.57
C PHE A 127 3.17 23.25 21.49
N VAL A 128 2.43 22.26 20.99
CA VAL A 128 1.41 22.51 19.97
C VAL A 128 0.05 22.16 20.57
N ASP A 129 -0.96 22.98 20.29
CA ASP A 129 -2.35 22.71 20.67
C ASP A 129 -3.24 23.18 19.51
N ARG A 130 -4.55 23.03 19.68
CA ARG A 130 -5.53 23.39 18.66
C ARG A 130 -6.29 24.63 19.12
N ASP A 131 -6.55 25.55 18.17
CA ASP A 131 -7.20 26.83 18.43
CA ASP A 131 -7.20 26.81 18.50
C ASP A 131 -8.70 26.57 18.59
N GLN A 132 -9.47 27.64 18.72
CA GLN A 132 -10.93 27.52 18.78
C GLN A 132 -11.49 27.08 17.43
N ALA A 133 -10.80 27.41 16.35
CA ALA A 133 -11.19 26.96 15.02
C ALA A 133 -10.66 25.57 14.69
N GLY A 134 -9.77 25.03 15.51
CA GLY A 134 -9.24 23.71 15.27
C GLY A 134 -7.96 23.67 14.47
N ASN A 135 -7.36 24.82 14.15
CA ASN A 135 -6.04 24.86 13.55
CA ASN A 135 -6.04 24.85 13.56
C ASN A 135 -4.98 24.80 14.65
N TYR A 136 -3.77 24.46 14.23
CA TYR A 136 -2.68 24.13 15.14
C TYR A 136 -1.79 25.33 15.39
N ALA A 137 -1.49 25.59 16.66
CA ALA A 137 -0.68 26.74 17.08
C ALA A 137 0.48 26.26 17.92
N MET A 138 1.63 26.92 17.76
CA MET A 138 2.79 26.69 18.60
C MET A 138 2.86 27.78 19.67
N HIS A 139 3.14 27.37 20.90
CA HIS A 139 3.37 28.28 22.01
C HIS A 139 4.61 27.89 22.79
N PRO A 140 5.38 28.86 23.28
CA PRO A 140 6.59 28.52 24.04
C PRO A 140 6.24 27.91 25.38
N LEU A 141 7.12 27.03 25.87
CA LEU A 141 7.01 26.50 27.22
C LEU A 141 7.63 27.45 28.25
N LEU A 142 6.85 28.45 28.68
CA LEU A 142 7.34 29.41 29.68
C LEU A 142 7.62 28.77 31.04
N SER A 143 6.99 27.64 31.35
CA SER A 143 7.12 27.03 32.67
C SER A 143 8.26 26.01 32.80
N TYR A 144 9.03 25.70 31.74
CA TYR A 144 9.76 24.44 31.77
C TYR A 144 10.92 24.42 32.75
N LEU A 145 11.35 25.60 33.20
CA LEU A 145 12.42 25.73 34.19
C LEU A 145 11.90 25.96 35.61
N THR A 146 10.61 26.05 35.81
CA THR A 146 10.21 26.34 37.20
C THR A 146 9.58 25.14 37.90
N PRO A 147 10.10 24.84 39.09
CA PRO A 147 9.62 23.69 39.85
C PRO A 147 8.13 23.77 40.08
N GLY A 148 7.49 22.61 40.03
CA GLY A 148 6.05 22.53 40.12
C GLY A 148 5.42 22.49 38.73
N GLN A 149 5.04 23.68 38.23
CA GLN A 149 4.44 23.78 36.89
C GLN A 149 5.28 23.05 35.85
N GLY A 150 6.60 23.14 35.96
CA GLY A 150 7.46 22.62 34.93
C GLY A 150 7.91 21.20 35.15
N ASP A 151 7.29 20.48 36.10
CA ASP A 151 7.74 19.13 36.42
C ASP A 151 7.65 18.18 35.24
N TYR A 152 6.74 18.44 34.29
CA TYR A 152 6.62 17.65 33.06
C TYR A 152 7.95 17.57 32.33
N TYR A 153 8.83 18.54 32.54
CA TYR A 153 10.18 18.50 32.01
C TYR A 153 11.20 18.15 33.07
N LEU A 154 11.13 18.85 34.22
CA LEU A 154 12.18 18.80 35.22
C LEU A 154 12.36 17.42 35.84
N LEU A 155 11.27 16.69 36.08
CA LEU A 155 11.41 15.42 36.77
C LEU A 155 11.99 14.35 35.82
N PRO A 156 11.45 14.17 34.62
CA PRO A 156 12.02 13.14 33.75
C PRO A 156 13.38 13.51 33.21
N GLN A 157 13.65 14.80 33.05
CA GLN A 157 14.98 15.26 32.64
C GLN A 157 16.05 14.73 33.56
N LYS A 158 15.75 14.70 34.86
CA LYS A 158 16.71 14.28 35.87
C LYS A 158 16.71 12.77 36.09
N SER A 159 15.55 12.12 36.05
CA SER A 159 15.54 10.67 36.26
C SER A 159 15.87 9.91 34.99
N GLN A 160 15.63 10.54 33.85
CA GLN A 160 15.67 9.90 32.54
C GLN A 160 14.74 8.69 32.50
N LYS A 161 13.67 8.74 33.28
CA LYS A 161 12.64 7.69 33.27
C LYS A 161 11.34 8.25 32.71
N ASP A 162 10.63 7.44 31.92
CA ASP A 162 9.23 7.70 31.61
C ASP A 162 8.45 8.00 32.88
N THR A 163 7.52 8.93 32.82
CA THR A 163 6.86 9.42 34.05
C THR A 163 5.42 9.90 33.82
N LEU A 164 4.51 9.38 34.62
CA LEU A 164 3.15 9.88 34.69
C LEU A 164 3.18 11.01 35.74
N ILE A 165 2.98 12.24 35.27
CA ILE A 165 3.17 13.45 36.06
C ILE A 165 1.95 13.72 36.92
N GLU A 166 2.18 14.15 38.15
CA GLU A 166 1.08 14.45 39.07
C GLU A 166 0.13 15.46 38.43
N PRO A 167 -1.17 15.37 38.70
CA PRO A 167 -2.11 16.27 38.02
C PRO A 167 -1.86 17.73 38.33
N TYR A 168 -2.10 18.55 37.32
CA TYR A 168 -1.90 19.98 37.45
C TYR A 168 -2.86 20.65 36.49
N THR A 169 -2.67 21.92 36.28
CA THR A 169 -3.63 22.74 35.57
C THR A 169 -2.89 23.59 34.55
N TYR A 170 -3.55 23.80 33.40
CA TYR A 170 -3.04 24.69 32.36
C TYR A 170 -4.26 25.27 31.64
N ALA A 171 -4.21 26.57 31.31
CA ALA A 171 -5.32 27.22 30.61
C ALA A 171 -5.07 27.13 29.11
N TYR A 172 -5.91 26.35 28.42
CA TYR A 172 -5.84 26.18 26.98
C TYR A 172 -6.94 27.02 26.36
N ASN A 173 -6.56 27.97 25.50
CA ASN A 173 -7.56 28.86 24.90
C ASN A 173 -8.42 29.51 25.99
N GLY A 174 -7.78 29.90 27.09
CA GLY A 174 -8.50 30.63 28.13
C GLY A 174 -9.37 29.78 29.03
N VAL A 175 -9.17 28.48 29.08
CA VAL A 175 -10.02 27.60 29.87
C VAL A 175 -9.14 26.75 30.77
N PRO A 176 -9.09 27.05 32.07
CA PRO A 176 -8.34 26.18 32.98
C PRO A 176 -8.79 24.72 32.83
N THR A 177 -7.82 23.83 32.74
CA THR A 177 -8.05 22.42 32.45
C THR A 177 -7.13 21.61 33.36
N LEU A 178 -7.69 20.65 34.08
CA LEU A 178 -6.88 19.69 34.82
C LEU A 178 -6.36 18.64 33.86
N LEU A 179 -5.06 18.33 33.95
CA LEU A 179 -4.44 17.40 33.02
C LEU A 179 -3.37 16.60 33.75
N THR A 180 -2.89 15.55 33.10
CA THR A 180 -1.61 14.96 33.43
C THR A 180 -0.74 15.05 32.18
N SER A 181 0.56 14.85 32.34
CA SER A 181 1.42 14.66 31.19
C SER A 181 2.05 13.28 31.28
N VAL A 182 2.10 12.60 30.12
CA VAL A 182 2.79 11.34 29.99
C VAL A 182 4.13 11.70 29.33
N ALA A 183 5.20 11.72 30.11
CA ALA A 183 6.48 12.31 29.74
C ALA A 183 7.50 11.22 29.40
N ALA A 184 8.25 11.41 28.32
CA ALA A 184 9.23 10.45 27.89
C ALA A 184 10.57 11.12 27.65
N PRO A 185 11.50 10.83 28.47
CA PRO A 185 12.82 11.29 28.09
C PRO A 185 13.24 10.74 26.72
N ILE A 186 14.06 11.56 26.03
CA ILE A 186 14.61 11.19 24.72
C ILE A 186 16.07 10.73 24.96
N VAL A 187 16.33 9.43 24.90
CA VAL A 187 17.68 8.91 25.14
C VAL A 187 18.13 8.07 23.93
N SER A 188 19.31 8.39 23.38
CA SER A 188 19.85 7.57 22.32
CA SER A 188 19.85 7.55 22.32
C SER A 188 21.37 7.59 22.37
N GLN A 189 21.95 6.42 22.26
CA GLN A 189 23.40 6.25 22.24
C GLN A 189 24.02 6.96 23.44
N GLY A 190 23.42 6.74 24.61
CA GLY A 190 23.92 7.27 25.85
C GLY A 190 23.65 8.72 26.10
N LYS A 191 23.07 9.43 25.12
CA LYS A 191 22.91 10.88 25.19
C LYS A 191 21.46 11.25 25.49
N LEU A 192 21.27 12.16 26.44
CA LEU A 192 19.95 12.72 26.67
C LEU A 192 19.71 13.88 25.72
N TRP A 193 18.69 13.74 24.87
CA TRP A 193 18.34 14.78 23.93
C TRP A 193 17.26 15.73 24.44
N GLY A 194 16.47 15.30 25.39
CA GLY A 194 15.44 16.15 25.98
C GLY A 194 14.26 15.30 26.46
N VAL A 195 13.07 15.89 26.34
CA VAL A 195 11.85 15.28 26.86
C VAL A 195 10.70 15.63 25.92
N VAL A 196 9.81 14.66 25.70
CA VAL A 196 8.60 14.88 24.92
C VAL A 196 7.45 14.44 25.81
N THR A 197 6.34 15.16 25.75
CA THR A 197 5.19 14.76 26.55
C THR A 197 3.93 14.72 25.72
N SER A 198 3.02 13.85 26.14
CA SER A 198 1.65 13.80 25.64
C SER A 198 0.76 14.36 26.76
N ASP A 199 -0.02 15.39 26.47
CA ASP A 199 -0.76 16.12 27.50
C ASP A 199 -2.23 15.73 27.42
N ILE A 200 -2.71 15.10 28.49
CA ILE A 200 -3.96 14.34 28.54
C ILE A 200 -4.88 14.98 29.57
N SER A 201 -6.12 15.25 29.18
CA SER A 201 -7.05 15.80 30.14
C SER A 201 -7.48 14.72 31.13
N LEU A 202 -7.61 15.12 32.38
CA LEU A 202 -8.15 14.22 33.40
C LEU A 202 -9.56 13.77 33.02
N ALA A 203 -10.35 14.68 32.46
CA ALA A 203 -11.70 14.34 32.03
C ALA A 203 -11.71 13.18 31.06
N SER A 204 -10.73 13.12 30.14
CA SER A 204 -10.77 12.04 29.14
C SER A 204 -10.48 10.70 29.80
N LEU A 205 -9.56 10.68 30.76
CA LEU A 205 -9.30 9.48 31.55
C LEU A 205 -10.54 9.07 32.34
N GLN A 206 -11.16 10.03 33.01
CA GLN A 206 -12.34 9.72 33.80
C GLN A 206 -13.43 9.14 32.92
N GLN A 207 -13.48 9.58 31.65
CA GLN A 207 -14.50 9.05 30.77
C GLN A 207 -14.32 7.54 30.56
N LYS A 208 -13.08 7.08 30.53
CA LYS A 208 -12.84 5.65 30.40
C LYS A 208 -13.04 4.92 31.73
N ILE A 209 -12.56 5.50 32.83
CA ILE A 209 -12.60 4.80 34.11
C ILE A 209 -14.04 4.65 34.59
N ASN A 210 -14.87 5.64 34.33
CA ASN A 210 -16.25 5.57 34.80
C ASN A 210 -17.11 4.63 33.97
N GLN A 211 -16.60 4.19 32.80
CA GLN A 211 -17.27 3.14 32.04
C GLN A 211 -17.09 1.76 32.66
N ILE A 212 -16.03 1.56 33.45
CA ILE A 212 -15.75 0.25 34.03
C ILE A 212 -16.85 -0.13 35.01
N LYS A 213 -17.48 -1.27 34.76
CA LYS A 213 -18.51 -1.86 35.63
C LYS A 213 -17.97 -3.24 35.99
N PRO A 214 -17.23 -3.36 37.10
CA PRO A 214 -16.43 -4.57 37.33
C PRO A 214 -17.24 -5.81 37.72
N TRP A 215 -18.54 -5.74 37.96
CA TRP A 215 -19.25 -6.91 38.50
C TRP A 215 -20.72 -6.89 38.11
N GLU A 216 -21.02 -7.69 37.07
CA GLU A 216 -22.38 -7.89 36.56
C GLU A 216 -23.07 -6.55 36.35
N GLY A 217 -22.34 -5.64 35.73
CA GLY A 217 -22.86 -4.33 35.37
C GLY A 217 -22.88 -3.33 36.49
N GLY A 218 -22.21 -3.62 37.60
CA GLY A 218 -22.19 -2.75 38.75
C GLY A 218 -20.81 -2.68 39.36
N GLY A 219 -20.75 -2.10 40.56
CA GLY A 219 -19.47 -1.71 41.12
C GLY A 219 -18.92 -0.52 40.36
N TYR A 220 -17.69 -0.17 40.70
CA TYR A 220 -17.03 0.93 40.01
C TYR A 220 -15.53 0.78 40.14
N ALA A 221 -14.83 1.62 39.40
CA ALA A 221 -13.38 1.65 39.37
C ALA A 221 -12.94 3.08 39.67
N MET A 222 -11.76 3.18 40.25
CA MET A 222 -11.15 4.43 40.68
C MET A 222 -9.71 4.42 40.23
N LEU A 223 -9.12 5.60 40.06
CA LEU A 223 -7.72 5.64 39.65
C LEU A 223 -6.97 6.72 40.41
N LEU A 224 -5.84 6.35 41.00
CA LEU A 224 -5.05 7.21 41.85
C LEU A 224 -3.64 7.38 41.30
N SER A 225 -3.06 8.56 41.56
CA SER A 225 -1.71 8.86 41.10
C SER A 225 -0.70 8.19 42.02
N SER A 226 0.57 8.36 41.66
CA SER A 226 1.67 7.85 42.50
C SER A 226 1.61 8.41 43.91
N ALA A 227 1.44 9.73 44.03
CA ALA A 227 1.30 10.38 45.33
C ALA A 227 -0.10 10.24 45.92
N GLY A 228 -0.96 9.44 45.30
CA GLY A 228 -2.29 9.22 45.84
C GLY A 228 -3.30 10.31 45.56
N LYS A 229 -3.06 11.17 44.58
CA LYS A 229 -4.05 12.12 44.11
C LYS A 229 -5.11 11.42 43.28
N VAL A 230 -6.36 11.91 43.38
CA VAL A 230 -7.46 11.33 42.62
C VAL A 230 -7.33 11.68 41.14
N ILE A 231 -7.19 10.66 40.30
CA ILE A 231 -7.32 10.88 38.87
C ILE A 231 -8.77 10.65 38.42
N SER A 232 -9.44 9.63 38.93
CA SER A 232 -10.84 9.43 38.59
C SER A 232 -11.51 8.73 39.76
N TYR A 233 -12.67 9.25 40.17
CA TYR A 233 -13.49 8.76 41.28
C TYR A 233 -14.90 9.16 40.89
N PRO A 234 -15.92 8.32 41.11
CA PRO A 234 -17.25 8.67 40.59
C PRO A 234 -17.76 10.01 41.10
N ASP A 235 -17.23 10.52 42.21
CA ASP A 235 -17.52 11.86 42.72
C ASP A 235 -16.45 12.78 42.13
N LYS A 236 -16.78 13.40 40.99
CA LYS A 236 -15.82 14.23 40.28
C LYS A 236 -15.33 15.40 41.12
N SER A 237 -16.04 15.77 42.19
CA SER A 237 -15.55 16.85 43.04
C SER A 237 -14.25 16.47 43.73
N GLN A 238 -13.89 15.19 43.71
CA GLN A 238 -12.66 14.72 44.32
C GLN A 238 -11.47 14.82 43.40
N THR A 239 -11.66 15.22 42.15
CA THR A 239 -10.58 15.18 41.16
C THR A 239 -9.41 16.01 41.64
N SER A 240 -8.21 15.44 41.50
CA SER A 240 -6.92 16.04 41.83
C SER A 240 -6.64 16.18 43.32
N LYS A 241 -7.56 15.80 44.20
CA LYS A 241 -7.36 15.87 45.64
C LYS A 241 -6.70 14.61 46.20
N ALA A 242 -6.01 14.79 47.32
CA ALA A 242 -5.50 13.65 48.07
C ALA A 242 -6.63 12.72 48.48
N TRP A 243 -6.44 11.42 48.24
CA TRP A 243 -7.33 10.38 48.73
C TRP A 243 -7.11 10.17 50.23
N GLN A 244 -8.19 10.14 51.00
CA GLN A 244 -8.12 9.94 52.44
CA GLN A 244 -8.12 9.94 52.44
C GLN A 244 -8.91 8.71 52.87
N GLY A 245 -8.82 7.62 52.09
CA GLY A 245 -9.65 6.46 52.31
C GLY A 245 -8.96 5.13 52.60
N PRO A 246 -9.54 4.04 52.07
CA PRO A 246 -9.36 2.71 52.70
C PRO A 246 -8.02 2.01 52.46
N THR A 247 -7.13 2.51 51.61
CA THR A 247 -6.03 1.68 51.12
C THR A 247 -5.02 1.36 52.21
N ASP A 248 -4.54 0.10 52.23
CA ASP A 248 -3.43 -0.31 53.09
CA ASP A 248 -3.42 -0.31 53.09
C ASP A 248 -2.19 -0.42 52.18
N ASN A 249 -1.65 0.75 51.79
CA ASN A 249 -0.50 0.82 50.89
CA ASN A 249 -0.50 0.83 50.89
C ASN A 249 -0.83 0.20 49.53
N PHE A 250 -2.01 0.55 49.01
CA PHE A 250 -2.55 0.09 47.72
C PHE A 250 -2.32 -1.41 47.51
N THR A 251 -2.77 -2.19 48.48
CA THR A 251 -2.57 -3.62 48.51
C THR A 251 -3.35 -4.36 47.42
N SER A 252 -2.78 -5.48 46.96
CA SER A 252 -3.49 -6.42 46.11
C SER A 252 -4.53 -7.26 46.85
N SER A 253 -4.41 -7.36 48.17
CA SER A 253 -5.39 -8.11 48.95
C SER A 253 -6.77 -7.48 48.84
N VAL A 254 -7.78 -8.29 49.06
CA VAL A 254 -9.17 -7.86 48.99
C VAL A 254 -9.64 -7.47 50.39
N VAL A 255 -10.25 -6.28 50.50
CA VAL A 255 -10.60 -5.72 51.80
C VAL A 255 -12.03 -5.20 51.76
N GLN A 256 -12.77 -5.47 52.84
CA GLN A 256 -14.16 -5.09 52.97
C GLN A 256 -14.29 -3.73 53.65
N HIS A 257 -15.08 -2.83 53.06
CA HIS A 257 -15.21 -1.43 53.47
CA HIS A 257 -15.27 -1.53 53.65
C HIS A 257 -16.68 -1.03 53.40
N ASP A 258 -17.03 0.00 54.15
CA ASP A 258 -18.31 0.68 54.11
C ASP A 258 -18.23 1.75 53.02
N ASP A 259 -18.82 1.50 51.86
CA ASP A 259 -18.59 2.31 50.66
C ASP A 259 -19.74 3.30 50.46
N ALA A 260 -19.39 4.57 50.27
CA ALA A 260 -20.42 5.60 50.22
C ALA A 260 -21.09 5.71 48.84
N ILE A 261 -20.33 5.43 47.77
CA ILE A 261 -20.86 5.42 46.40
C ILE A 261 -21.92 4.33 46.25
N LEU A 262 -21.56 3.10 46.61
CA LEU A 262 -22.48 1.97 46.56
C LEU A 262 -23.46 1.95 47.73
N GLY A 263 -23.13 2.61 48.83
CA GLY A 263 -24.04 2.55 49.97
C GLY A 263 -24.17 1.17 50.58
N GLU A 264 -23.15 0.32 50.49
CA GLU A 264 -23.18 -0.94 51.21
C GLU A 264 -21.75 -1.40 51.45
N GLN A 265 -21.63 -2.54 52.11
CA GLN A 265 -20.35 -3.23 52.23
C GLN A 265 -19.82 -3.57 50.84
N ALA A 266 -18.56 -3.23 50.61
CA ALA A 266 -17.90 -3.42 49.32
C ALA A 266 -16.55 -4.11 49.50
N LEU A 267 -16.12 -4.84 48.46
CA LEU A 267 -14.78 -5.40 48.41
C LEU A 267 -13.90 -4.54 47.49
N VAL A 268 -12.67 -4.31 47.92
CA VAL A 268 -11.76 -3.41 47.24
C VAL A 268 -10.43 -4.13 47.00
N THR A 269 -9.90 -4.00 45.78
CA THR A 269 -8.58 -4.50 45.48
C THR A 269 -7.93 -3.53 44.50
N TRP A 270 -6.62 -3.30 44.69
CA TRP A 270 -5.82 -2.37 43.93
C TRP A 270 -4.86 -3.14 43.02
N GLN A 271 -4.63 -2.59 41.82
CA GLN A 271 -3.60 -3.10 40.91
C GLN A 271 -2.78 -1.95 40.36
N PRO A 272 -1.46 -2.11 40.27
CA PRO A 272 -0.61 -1.01 39.76
C PRO A 272 -0.78 -0.84 38.26
N VAL A 273 -0.50 0.39 37.79
CA VAL A 273 -0.50 0.79 36.40
C VAL A 273 0.84 1.47 36.12
N THR A 274 1.59 0.96 35.13
CA THR A 274 2.95 1.47 34.89
C THR A 274 3.17 1.69 33.41
N ILE A 275 3.97 2.71 33.05
CA ILE A 275 4.26 2.97 31.65
C ILE A 275 5.76 2.81 31.37
N GLY A 276 6.06 2.37 30.15
CA GLY A 276 7.45 2.32 29.68
C GLY A 276 8.43 1.79 30.70
N ASN A 277 9.52 2.53 30.95
CA ASN A 277 10.53 2.08 31.91
C ASN A 277 10.36 2.75 33.27
N SER A 278 9.16 3.26 33.59
CA SER A 278 8.97 3.95 34.86
C SER A 278 9.12 2.97 36.02
N THR A 279 9.71 3.44 37.10
CA THR A 279 9.73 2.69 38.35
C THR A 279 8.58 3.07 39.28
N GLU A 280 8.01 4.27 39.10
CA GLU A 280 6.83 4.66 39.85
CA GLU A 280 6.84 4.69 39.84
C GLU A 280 5.58 4.14 39.17
N LYS A 281 4.44 4.30 39.86
CA LYS A 281 3.20 3.74 39.34
C LYS A 281 1.95 4.48 39.81
N TRP A 282 0.87 4.27 39.07
CA TRP A 282 -0.49 4.65 39.45
C TRP A 282 -1.23 3.40 39.91
N TYR A 283 -2.38 3.58 40.55
CA TYR A 283 -3.10 2.50 41.19
C TYR A 283 -4.55 2.52 40.72
N LEU A 284 -4.96 1.45 40.06
CA LEU A 284 -6.35 1.24 39.73
C LEU A 284 -7.00 0.44 40.86
N GLY A 285 -8.16 0.90 41.28
CA GLY A 285 -8.91 0.24 42.35
C GLY A 285 -10.26 -0.21 41.82
N ILE A 286 -10.64 -1.43 42.19
CA ILE A 286 -11.93 -2.02 41.85
C ILE A 286 -12.76 -2.15 43.14
N VAL A 287 -14.02 -1.74 43.07
CA VAL A 287 -14.91 -1.71 44.24
C VAL A 287 -16.19 -2.45 43.87
N VAL A 288 -16.47 -3.58 44.52
CA VAL A 288 -17.70 -4.31 44.17
C VAL A 288 -18.54 -4.58 45.43
N PRO A 289 -19.87 -4.64 45.32
CA PRO A 289 -20.70 -4.87 46.54
C PRO A 289 -20.53 -6.29 47.07
N VAL A 290 -20.31 -6.39 48.38
CA VAL A 290 -20.22 -7.72 49.00
C VAL A 290 -21.47 -8.53 48.66
N SER A 291 -22.63 -7.88 48.71
CA SER A 291 -23.90 -8.60 48.51
C SER A 291 -23.90 -9.41 47.22
N GLN A 292 -23.49 -8.80 46.12
CA GLN A 292 -23.54 -9.49 44.83
C GLN A 292 -22.40 -10.49 44.65
N VAL A 293 -21.31 -10.35 45.41
CA VAL A 293 -20.20 -11.29 45.35
C VAL A 293 -20.50 -12.52 46.21
N MET A 294 -20.55 -12.34 47.54
CA MET A 294 -20.79 -13.45 48.43
C MET A 294 -22.06 -14.19 48.02
N ALA A 295 -23.06 -13.46 47.49
CA ALA A 295 -24.32 -14.11 47.12
C ALA A 295 -24.19 -14.94 45.85
N ALA A 296 -23.37 -14.50 44.90
CA ALA A 296 -23.09 -15.33 43.74
C ALA A 296 -22.32 -16.58 44.13
N SER A 297 -21.36 -16.44 45.05
CA SER A 297 -20.57 -17.57 45.55
C SER A 297 -20.25 -18.57 44.44
N SER B 30 -19.29 -22.23 37.46
CA SER B 30 -19.44 -21.08 36.57
C SER B 30 -18.64 -19.92 37.10
N LEU B 31 -18.42 -19.89 38.42
CA LEU B 31 -17.50 -18.90 38.94
C LEU B 31 -16.05 -19.30 38.59
N ALA B 32 -15.77 -20.61 38.60
CA ALA B 32 -14.51 -21.11 38.08
C ALA B 32 -14.36 -20.82 36.57
N GLU B 33 -15.44 -21.00 35.81
CA GLU B 33 -15.39 -20.67 34.39
C GLU B 33 -15.05 -19.21 34.19
N ARG B 34 -15.81 -18.32 34.86
CA ARG B 34 -15.61 -16.89 34.72
C ARG B 34 -14.19 -16.46 35.08
N TYR B 35 -13.61 -17.09 36.11
CA TYR B 35 -12.23 -16.78 36.48
C TYR B 35 -11.26 -17.24 35.39
N LEU B 36 -11.47 -18.43 34.84
CA LEU B 36 -10.63 -18.89 33.73
C LEU B 36 -10.68 -17.90 32.58
N GLN B 37 -11.89 -17.50 32.17
CA GLN B 37 -12.05 -16.46 31.16
C GLN B 37 -11.30 -15.19 31.52
N GLN B 38 -11.38 -14.78 32.78
CA GLN B 38 -10.68 -13.57 33.20
C GLN B 38 -9.18 -13.75 33.09
N ILE B 39 -8.67 -14.92 33.43
CA ILE B 39 -7.25 -15.18 33.23
C ILE B 39 -6.88 -15.04 31.77
N ALA B 40 -7.70 -15.58 30.87
CA ALA B 40 -7.38 -15.45 29.44
C ALA B 40 -7.39 -13.99 29.01
N GLN B 41 -8.25 -13.19 29.65
CA GLN B 41 -8.42 -11.84 29.15
C GLN B 41 -7.15 -11.05 29.57
N SER B 42 -6.64 -11.33 30.79
CA SER B 42 -5.42 -10.66 31.26
C SER B 42 -4.21 -11.06 30.43
N GLU B 43 -4.03 -12.36 30.18
CA GLU B 43 -2.88 -12.79 29.36
C GLU B 43 -2.97 -12.26 27.96
N ALA B 44 -4.17 -12.30 27.35
CA ALA B 44 -4.34 -11.71 26.04
C ALA B 44 -3.95 -10.24 26.06
N LEU B 45 -4.40 -9.49 27.08
CA LEU B 45 -4.07 -8.07 27.13
C LEU B 45 -2.56 -7.86 27.19
N ARG B 46 -1.84 -8.74 27.88
CA ARG B 46 -0.41 -8.57 28.00
C ARG B 46 0.28 -8.78 26.65
N ILE B 47 -0.12 -9.82 25.92
CA ILE B 47 0.43 -10.04 24.57
C ILE B 47 0.06 -8.88 23.66
N GLN B 48 -1.21 -8.48 23.70
CA GLN B 48 -1.68 -7.35 22.91
C GLN B 48 -0.89 -6.09 23.17
N GLN B 49 -0.46 -5.84 24.42
CA GLN B 49 0.37 -4.66 24.68
C GLN B 49 1.70 -4.76 23.92
N GLU B 50 2.27 -5.96 23.84
CA GLU B 50 3.56 -6.15 23.17
C GLU B 50 3.43 -5.94 21.66
N LEU B 51 2.40 -6.53 21.05
CA LEU B 51 2.17 -6.31 19.64
C LEU B 51 1.81 -4.86 19.36
N ASN B 52 1.04 -4.22 20.25
CA ASN B 52 0.70 -2.83 19.98
C ASN B 52 1.91 -1.91 20.11
N TYR B 53 2.84 -2.25 20.99
CA TYR B 53 4.07 -1.47 21.04
C TYR B 53 4.76 -1.45 19.67
N ALA B 54 4.80 -2.60 19.01
CA ALA B 54 5.39 -2.67 17.66
C ALA B 54 4.54 -1.91 16.65
N ARG B 55 3.23 -2.08 16.68
CA ARG B 55 2.39 -1.26 15.83
C ARG B 55 2.69 0.23 16.04
N ASP B 56 2.86 0.67 17.29
CA ASP B 56 3.08 2.10 17.58
C ASP B 56 4.40 2.58 17.01
N VAL B 57 5.48 1.81 17.23
CA VAL B 57 6.76 2.14 16.62
C VAL B 57 6.56 2.43 15.13
N ALA B 58 5.88 1.52 14.43
CA ALA B 58 5.75 1.69 12.99
C ALA B 58 4.80 2.83 12.66
N HIS B 59 3.66 2.87 13.32
CA HIS B 59 2.68 3.93 13.07
C HIS B 59 3.25 5.31 13.36
N ASN B 60 3.96 5.45 14.48
CA ASN B 60 4.41 6.79 14.86
C ASN B 60 5.60 7.25 14.01
N LEU B 61 6.48 6.33 13.62
CA LEU B 61 7.50 6.68 12.63
C LEU B 61 6.85 7.17 11.34
N GLY B 62 5.82 6.46 10.90
CA GLY B 62 5.12 6.82 9.69
C GLY B 62 4.55 8.22 9.72
N GLN B 63 3.99 8.63 10.88
CA GLN B 63 3.43 9.97 10.93
C GLN B 63 4.55 11.01 10.85
N GLY B 64 5.70 10.72 11.46
CA GLY B 64 6.82 11.64 11.37
C GLY B 64 7.34 11.75 9.95
N LEU B 65 7.37 10.63 9.21
CA LEU B 65 7.87 10.64 7.83
C LEU B 65 6.97 11.45 6.91
N ALA B 66 5.65 11.25 7.02
CA ALA B 66 4.70 12.06 6.28
C ALA B 66 4.78 13.56 6.59
N ALA B 67 5.25 13.94 7.79
CA ALA B 67 5.41 15.36 8.08
C ALA B 67 6.52 16.00 7.25
N LEU B 68 7.46 15.20 6.79
CA LEU B 68 8.72 15.74 6.27
C LEU B 68 8.52 16.55 5.00
N PRO B 69 7.82 16.06 3.96
CA PRO B 69 7.55 16.92 2.80
C PRO B 69 6.89 18.21 3.16
N SER B 70 5.89 18.15 4.06
CA SER B 70 5.23 19.36 4.55
C SER B 70 6.20 20.38 5.09
N ALA B 71 7.32 19.94 5.67
CA ALA B 71 8.33 20.85 6.19
C ALA B 71 9.43 21.14 5.19
N GLY B 72 9.30 20.68 3.95
CA GLY B 72 10.29 20.93 2.93
C GLY B 72 11.45 19.95 2.87
N ILE B 73 11.41 18.86 3.63
CA ILE B 73 12.46 17.86 3.62
C ILE B 73 12.11 16.83 2.56
N LYS B 74 12.94 16.73 1.52
CA LYS B 74 12.73 15.78 0.42
C LYS B 74 13.95 14.90 0.19
N ASP B 75 14.77 14.70 1.21
CA ASP B 75 16.02 13.96 1.12
C ASP B 75 15.82 12.58 1.70
N ARG B 76 16.06 11.57 0.88
CA ARG B 76 15.77 10.21 1.29
C ARG B 76 16.71 9.77 2.40
N ALA B 77 17.87 10.40 2.53
CA ALA B 77 18.80 10.04 3.61
C ALA B 77 18.23 10.41 4.99
N VAL B 78 17.33 11.38 5.05
CA VAL B 78 16.70 11.69 6.34
C VAL B 78 15.82 10.54 6.77
N VAL B 79 15.09 9.95 5.82
CA VAL B 79 14.27 8.78 6.12
C VAL B 79 15.14 7.62 6.62
N ASP B 80 16.26 7.37 5.94
CA ASP B 80 17.20 6.34 6.38
C ASP B 80 17.50 6.50 7.88
N LYS B 81 17.83 7.74 8.28
CA LYS B 81 18.33 7.98 9.62
C LYS B 81 17.23 7.76 10.66
N MET B 82 16.03 8.26 10.40
CA MET B 82 14.93 8.04 11.35
C MET B 82 14.60 6.56 11.48
N MET B 83 14.65 5.80 10.39
CA MET B 83 14.49 4.36 10.48
C MET B 83 15.58 3.74 11.36
N GLU B 84 16.83 4.16 11.15
CA GLU B 84 17.92 3.63 11.97
C GLU B 84 17.67 3.92 13.43
N TYR B 85 17.18 5.12 13.74
CA TYR B 85 17.00 5.45 15.14
C TYR B 85 15.84 4.67 15.74
N ALA B 86 14.83 4.36 14.94
CA ALA B 86 13.76 3.49 15.44
C ALA B 86 14.28 2.09 15.74
N LEU B 87 15.10 1.53 14.84
CA LEU B 87 15.66 0.20 15.10
C LEU B 87 16.62 0.22 16.26
N ARG B 88 17.44 1.26 16.36
CA ARG B 88 18.38 1.38 17.47
C ARG B 88 17.65 1.32 18.81
N ASP B 89 16.47 1.91 18.87
CA ASP B 89 15.73 1.94 20.12
C ASP B 89 15.03 0.63 20.42
N ASN B 90 15.11 -0.33 19.51
CA ASN B 90 14.39 -1.59 19.59
C ASN B 90 15.33 -2.73 19.27
N PRO B 91 16.35 -2.93 20.12
CA PRO B 91 17.38 -3.94 19.79
C PRO B 91 16.84 -5.34 19.55
N GLU B 92 15.62 -5.67 19.99
CA GLU B 92 15.12 -7.04 19.80
CA GLU B 92 15.10 -7.02 19.82
C GLU B 92 14.48 -7.25 18.43
N TYR B 93 14.13 -6.18 17.73
CA TYR B 93 13.48 -6.25 16.44
C TYR B 93 14.49 -6.70 15.38
N LEU B 94 13.96 -7.33 14.34
CA LEU B 94 14.83 -7.76 13.24
C LEU B 94 15.13 -6.61 12.30
N SER B 95 14.13 -5.79 12.02
CA SER B 95 14.30 -4.68 11.12
C SER B 95 13.09 -3.77 11.23
N ILE B 96 13.19 -2.62 10.58
CA ILE B 96 12.06 -1.73 10.32
C ILE B 96 12.03 -1.50 8.82
N SER B 97 10.84 -1.64 8.22
CA SER B 97 10.66 -1.45 6.78
C SER B 97 9.73 -0.27 6.51
N VAL B 98 10.07 0.50 5.49
CA VAL B 98 9.28 1.65 5.07
C VAL B 98 9.06 1.54 3.58
N ILE B 99 7.79 1.59 3.16
CA ILE B 99 7.44 1.62 1.75
C ILE B 99 6.55 2.83 1.56
N PHE B 100 7.05 3.83 0.82
CA PHE B 100 6.26 4.98 0.40
C PHE B 100 5.40 4.63 -0.82
N GLU B 101 4.32 5.38 -1.00
CA GLU B 101 3.58 5.27 -2.25
C GLU B 101 4.40 5.96 -3.35
N GLU B 102 4.03 5.65 -4.60
CA GLU B 102 4.76 6.13 -5.75
C GLU B 102 4.88 7.64 -5.77
N ASN B 103 6.12 8.11 -5.69
CA ASN B 103 6.53 9.49 -5.87
C ASN B 103 6.00 10.41 -4.76
N VAL B 104 5.42 9.87 -3.67
CA VAL B 104 4.75 10.78 -2.74
C VAL B 104 5.76 11.55 -1.89
N PHE B 105 6.96 11.00 -1.72
CA PHE B 105 7.93 11.65 -0.85
C PHE B 105 8.67 12.77 -1.55
N ASP B 106 9.25 12.46 -2.72
CA ASP B 106 10.08 13.42 -3.44
C ASP B 106 9.77 13.53 -4.91
N GLY B 107 8.88 12.70 -5.45
CA GLY B 107 8.61 12.73 -6.86
C GLY B 107 9.76 12.31 -7.75
N ARG B 108 10.75 11.65 -7.21
CA ARG B 108 11.98 11.38 -7.95
C ARG B 108 12.17 9.89 -8.21
N ASP B 109 11.12 9.08 -8.06
CA ASP B 109 11.27 7.65 -8.24
C ASP B 109 11.92 7.32 -9.59
N ALA B 110 11.65 8.14 -10.61
CA ALA B 110 12.13 7.79 -11.96
C ALA B 110 13.64 7.87 -12.03
N GLU B 111 14.25 8.73 -11.21
CA GLU B 111 15.68 8.89 -11.15
C GLU B 111 16.36 7.72 -10.45
N PHE B 112 15.63 6.97 -9.63
CA PHE B 112 16.14 5.78 -8.95
C PHE B 112 15.75 4.46 -9.66
N ALA B 113 14.86 4.53 -10.64
CA ALA B 113 14.30 3.34 -11.25
C ALA B 113 15.36 2.63 -12.10
N ASP B 114 15.37 1.31 -12.01
CA ASP B 114 16.27 0.42 -12.75
C ASP B 114 17.75 0.67 -12.49
N GLN B 115 18.09 1.17 -11.31
CA GLN B 115 19.47 1.20 -10.90
C GLN B 115 19.76 0.01 -9.98
N PRO B 116 20.81 -0.74 -10.15
CA PRO B 116 20.97 -1.80 -9.16
C PRO B 116 21.23 -1.23 -7.78
N GLY B 117 20.83 -1.98 -6.77
CA GLY B 117 20.89 -1.50 -5.41
C GLY B 117 19.61 -0.81 -4.95
N GLN B 118 18.71 -0.52 -5.89
CA GLN B 118 17.45 0.12 -5.58
C GLN B 118 16.30 -0.89 -5.60
N ALA B 119 15.17 -0.45 -5.16
CA ALA B 119 13.95 -1.23 -5.16
C ALA B 119 13.24 -1.10 -6.49
N PRO B 120 12.31 -2.02 -6.80
CA PRO B 120 11.54 -1.91 -8.05
C PRO B 120 10.93 -0.53 -8.27
N LYS B 121 11.06 -0.05 -9.50
CA LYS B 121 10.44 1.19 -9.99
C LYS B 121 10.95 2.42 -9.23
N GLY B 122 12.09 2.29 -8.56
CA GLY B 122 12.74 3.40 -7.92
C GLY B 122 12.00 3.88 -6.68
N ARG B 123 11.04 3.10 -6.19
CA ARG B 123 10.27 3.47 -5.02
C ARG B 123 11.15 3.66 -3.81
N TYR B 124 10.74 4.58 -2.91
CA TYR B 124 11.35 4.57 -1.58
C TYR B 124 10.76 3.35 -0.87
N ALA B 125 11.53 2.25 -0.87
CA ALA B 125 11.13 0.96 -0.32
C ALA B 125 12.41 0.32 0.24
N TRP B 126 12.61 0.46 1.54
CA TRP B 126 13.86 0.08 2.22
C TRP B 126 13.56 -0.53 3.58
N PHE B 127 14.50 -1.34 4.05
CA PHE B 127 14.52 -1.73 5.45
C PHE B 127 15.93 -1.55 5.97
N VAL B 128 16.00 -1.39 7.28
CA VAL B 128 17.26 -1.25 8.00
C VAL B 128 17.36 -2.49 8.87
N ASP B 129 18.56 -3.05 8.94
CA ASP B 129 18.79 -4.17 9.84
C ASP B 129 20.21 -4.04 10.38
N ARG B 130 20.62 -5.00 11.22
CA ARG B 130 21.93 -5.00 11.85
C ARG B 130 22.82 -6.09 11.24
N ASP B 131 24.11 -5.79 11.12
CA ASP B 131 25.05 -6.77 10.59
C ASP B 131 25.32 -7.88 11.61
N GLN B 132 26.21 -8.80 11.21
CA GLN B 132 26.86 -9.68 12.16
C GLN B 132 27.81 -8.91 13.07
N ALA B 133 28.32 -7.76 12.61
CA ALA B 133 29.11 -6.89 13.46
C ALA B 133 28.26 -6.04 14.37
N GLY B 134 26.97 -5.90 14.08
CA GLY B 134 26.07 -5.13 14.92
C GLY B 134 25.84 -3.69 14.49
N ASN B 135 26.43 -3.26 13.38
CA ASN B 135 26.11 -1.94 12.87
C ASN B 135 25.00 -2.02 11.82
N TYR B 136 24.47 -0.86 11.47
CA TYR B 136 23.18 -0.73 10.79
C TYR B 136 23.40 -0.55 9.30
N ALA B 137 22.55 -1.22 8.50
CA ALA B 137 22.66 -1.24 7.03
C ALA B 137 21.27 -1.08 6.42
N MET B 138 21.20 -0.33 5.33
CA MET B 138 19.97 -0.11 4.58
C MET B 138 19.92 -1.09 3.40
N HIS B 139 18.78 -1.75 3.23
CA HIS B 139 18.67 -2.64 2.08
C HIS B 139 17.36 -2.38 1.34
N PRO B 140 17.34 -2.52 0.02
CA PRO B 140 16.08 -2.31 -0.72
C PRO B 140 15.09 -3.45 -0.49
N LEU B 141 13.79 -3.08 -0.48
CA LEU B 141 12.73 -4.09 -0.40
C LEU B 141 12.46 -4.64 -1.81
N LEU B 142 13.28 -5.62 -2.19
CA LEU B 142 13.14 -6.22 -3.53
C LEU B 142 11.78 -6.89 -3.73
N SER B 143 11.12 -7.29 -2.65
CA SER B 143 9.94 -8.14 -2.71
C SER B 143 8.60 -7.37 -2.56
N TYR B 144 8.62 -6.03 -2.52
CA TYR B 144 7.44 -5.27 -2.03
C TYR B 144 6.26 -5.39 -2.99
N LEU B 145 6.48 -5.76 -4.24
CA LEU B 145 5.39 -5.92 -5.21
C LEU B 145 5.13 -7.39 -5.56
N THR B 146 5.70 -8.32 -4.84
CA THR B 146 5.46 -9.71 -5.23
C THR B 146 4.56 -10.42 -4.23
N PRO B 147 3.44 -10.95 -4.73
CA PRO B 147 2.48 -11.64 -3.86
C PRO B 147 3.15 -12.79 -3.12
N GLY B 148 2.82 -12.89 -1.84
CA GLY B 148 3.47 -13.85 -0.96
C GLY B 148 4.53 -13.16 -0.15
N GLN B 149 5.76 -13.12 -0.68
CA GLN B 149 6.86 -12.51 0.07
C GLN B 149 6.58 -11.04 0.40
N GLY B 150 5.89 -10.32 -0.48
CA GLY B 150 5.63 -8.90 -0.31
C GLY B 150 4.34 -8.56 0.39
N ASP B 151 3.69 -9.54 1.02
CA ASP B 151 2.40 -9.25 1.62
C ASP B 151 2.51 -8.22 2.73
N TYR B 152 3.66 -8.11 3.39
CA TYR B 152 3.82 -7.07 4.40
C TYR B 152 3.47 -5.69 3.87
N TYR B 153 3.64 -5.48 2.55
CA TYR B 153 3.22 -4.25 1.90
C TYR B 153 1.86 -4.37 1.23
N LEU B 154 1.68 -5.42 0.43
CA LEU B 154 0.52 -5.52 -0.44
C LEU B 154 -0.79 -5.67 0.34
N LEU B 155 -0.77 -6.36 1.46
CA LEU B 155 -2.06 -6.58 2.10
C LEU B 155 -2.49 -5.31 2.84
N PRO B 156 -1.63 -4.68 3.63
CA PRO B 156 -2.05 -3.41 4.29
C PRO B 156 -2.23 -2.25 3.32
N GLN B 157 -1.52 -2.23 2.18
CA GLN B 157 -1.75 -1.18 1.22
C GLN B 157 -3.15 -1.26 0.66
N LYS B 158 -3.70 -2.47 0.56
CA LYS B 158 -5.03 -2.59 0.00
C LYS B 158 -6.13 -2.30 1.02
N SER B 159 -5.99 -2.81 2.24
CA SER B 159 -7.01 -2.56 3.26
C SER B 159 -6.84 -1.21 3.92
N GLN B 160 -5.62 -0.68 3.95
CA GLN B 160 -5.26 0.51 4.73
C GLN B 160 -5.55 0.33 6.22
N LYS B 161 -5.48 -0.91 6.73
CA LYS B 161 -5.64 -1.22 8.13
C LYS B 161 -4.33 -1.76 8.68
N ASP B 162 -4.05 -1.46 9.94
CA ASP B 162 -2.99 -2.14 10.67
C ASP B 162 -3.18 -3.64 10.60
N THR B 163 -2.07 -4.37 10.47
CA THR B 163 -2.16 -5.79 10.17
C THR B 163 -1.00 -6.55 10.77
N LEU B 164 -1.33 -7.63 11.46
CA LEU B 164 -0.37 -8.64 11.91
C LEU B 164 -0.19 -9.60 10.73
N ILE B 165 0.96 -9.57 10.09
CA ILE B 165 1.19 -10.41 8.91
C ILE B 165 1.37 -11.87 9.30
N GLU B 166 0.72 -12.77 8.54
CA GLU B 166 0.90 -14.21 8.73
C GLU B 166 2.40 -14.51 8.77
N PRO B 167 2.83 -15.47 9.58
CA PRO B 167 4.28 -15.74 9.68
C PRO B 167 4.88 -16.21 8.35
N TYR B 168 6.09 -15.73 8.07
CA TYR B 168 6.79 -15.98 6.81
C TYR B 168 8.29 -15.99 7.09
N THR B 169 9.09 -16.17 6.05
CA THR B 169 10.54 -16.34 6.20
C THR B 169 11.31 -15.35 5.33
N TYR B 170 12.40 -14.82 5.89
CA TYR B 170 13.31 -13.93 5.20
C TYR B 170 14.73 -14.27 5.67
N ALA B 171 15.70 -14.28 4.74
CA ALA B 171 17.09 -14.61 5.07
C ALA B 171 17.80 -13.33 5.50
N TYR B 172 17.79 -13.07 6.80
CA TYR B 172 18.60 -11.97 7.34
C TYR B 172 20.05 -12.42 7.36
N ASN B 173 20.93 -11.62 6.74
CA ASN B 173 22.36 -11.93 6.74
C ASN B 173 22.64 -13.35 6.27
N GLY B 174 21.82 -13.85 5.36
CA GLY B 174 22.03 -15.20 4.85
C GLY B 174 21.43 -16.29 5.69
N VAL B 175 20.65 -15.97 6.73
CA VAL B 175 20.07 -16.98 7.58
C VAL B 175 18.54 -16.93 7.51
N PRO B 176 17.89 -17.91 6.90
CA PRO B 176 16.42 -17.99 7.00
C PRO B 176 15.93 -17.85 8.44
N THR B 177 14.93 -17.00 8.63
CA THR B 177 14.36 -16.65 9.93
C THR B 177 12.84 -16.55 9.81
N LEU B 178 12.12 -17.24 10.68
CA LEU B 178 10.68 -17.04 10.80
C LEU B 178 10.41 -15.73 11.53
N LEU B 179 9.53 -14.92 10.98
CA LEU B 179 9.20 -13.61 11.55
C LEU B 179 7.72 -13.36 11.28
N THR B 180 7.20 -12.33 11.96
CA THR B 180 5.98 -11.67 11.56
C THR B 180 6.35 -10.22 11.36
N SER B 181 5.52 -9.51 10.61
CA SER B 181 5.64 -8.07 10.47
C SER B 181 4.39 -7.43 11.02
N VAL B 182 4.58 -6.43 11.85
CA VAL B 182 3.47 -5.65 12.36
C VAL B 182 3.40 -4.41 11.49
N ALA B 183 2.37 -4.32 10.66
CA ALA B 183 2.30 -3.38 9.56
C ALA B 183 1.32 -2.27 9.86
N ALA B 184 1.78 -1.03 9.65
CA ALA B 184 0.98 0.16 9.94
C ALA B 184 0.93 1.02 8.67
N PRO B 185 -0.19 1.00 7.94
CA PRO B 185 -0.35 1.98 6.84
C PRO B 185 -0.22 3.40 7.38
N ILE B 186 0.37 4.28 6.55
CA ILE B 186 0.56 5.69 6.87
C ILE B 186 -0.62 6.43 6.27
N VAL B 187 -1.54 6.93 7.07
CA VAL B 187 -2.64 7.74 6.58
C VAL B 187 -2.58 9.07 7.33
N SER B 188 -2.65 10.17 6.61
CA SER B 188 -2.68 11.48 7.23
C SER B 188 -3.51 12.40 6.34
N GLN B 189 -4.50 13.05 6.94
CA GLN B 189 -5.33 14.01 6.22
C GLN B 189 -5.87 13.37 4.93
N GLY B 190 -6.33 12.14 5.06
CA GLY B 190 -7.05 11.45 4.02
C GLY B 190 -6.19 10.64 3.05
N LYS B 191 -4.88 10.90 3.00
CA LYS B 191 -3.99 10.40 1.97
C LYS B 191 -3.23 9.20 2.52
N LEU B 192 -3.17 8.12 1.73
CA LEU B 192 -2.29 7.00 2.04
C LEU B 192 -0.87 7.34 1.60
N TRP B 193 0.07 7.41 2.54
CA TRP B 193 1.44 7.78 2.19
C TRP B 193 2.34 6.58 1.98
N GLY B 194 2.00 5.46 2.59
CA GLY B 194 2.65 4.16 2.36
C GLY B 194 2.39 3.25 3.56
N VAL B 195 3.38 2.39 3.83
CA VAL B 195 3.28 1.40 4.89
C VAL B 195 4.60 1.34 5.63
N VAL B 196 4.56 1.33 6.96
CA VAL B 196 5.72 1.03 7.79
C VAL B 196 5.49 -0.30 8.49
N THR B 197 6.58 -1.06 8.67
CA THR B 197 6.46 -2.30 9.42
C THR B 197 7.56 -2.46 10.45
N SER B 198 7.17 -3.03 11.60
CA SER B 198 8.10 -3.56 12.59
C SER B 198 8.18 -5.07 12.40
N ASP B 199 9.39 -5.57 12.17
CA ASP B 199 9.61 -6.96 11.80
C ASP B 199 10.19 -7.68 13.01
N ILE B 200 9.44 -8.67 13.51
CA ILE B 200 9.69 -9.34 14.78
C ILE B 200 9.86 -10.82 14.54
N SER B 201 10.88 -11.42 15.15
CA SER B 201 11.07 -12.86 15.05
C SER B 201 9.99 -13.64 15.80
N LEU B 202 9.54 -14.75 15.19
CA LEU B 202 8.59 -15.61 15.88
C LEU B 202 9.19 -16.14 17.19
N ALA B 203 10.49 -16.40 17.19
CA ALA B 203 11.13 -16.88 18.41
C ALA B 203 10.87 -15.94 19.57
N SER B 204 11.00 -14.63 19.37
CA SER B 204 10.77 -13.70 20.49
C SER B 204 9.32 -13.77 20.95
N LEU B 205 8.37 -13.89 20.02
CA LEU B 205 6.98 -14.04 20.44
C LEU B 205 6.80 -15.35 21.20
N GLN B 206 7.35 -16.45 20.64
CA GLN B 206 7.22 -17.74 21.33
C GLN B 206 7.82 -17.66 22.72
N GLN B 207 8.95 -16.96 22.86
CA GLN B 207 9.61 -16.85 24.15
C GLN B 207 8.71 -16.20 25.20
N LYS B 208 7.78 -15.37 24.76
CA LYS B 208 6.85 -14.72 25.69
C LYS B 208 5.63 -15.58 25.95
N ILE B 209 5.07 -16.20 24.91
CA ILE B 209 3.87 -17.02 25.09
C ILE B 209 4.18 -18.23 25.99
N ASN B 210 5.35 -18.84 25.82
CA ASN B 210 5.67 -20.06 26.58
C ASN B 210 6.05 -19.79 28.03
N GLN B 211 6.25 -18.53 28.42
CA GLN B 211 6.38 -18.23 29.85
C GLN B 211 5.03 -18.12 30.54
N ILE B 212 3.95 -17.98 29.79
CA ILE B 212 2.61 -17.93 30.38
C ILE B 212 2.27 -19.27 31.01
N LYS B 213 2.06 -19.27 32.34
CA LYS B 213 1.58 -20.40 33.11
C LYS B 213 0.23 -19.98 33.70
N PRO B 214 -0.88 -20.30 33.04
CA PRO B 214 -2.14 -19.63 33.41
C PRO B 214 -2.73 -20.09 34.76
N TRP B 215 -2.35 -21.25 35.32
CA TRP B 215 -3.04 -21.80 36.49
C TRP B 215 -2.09 -22.39 37.50
N GLU B 216 -2.09 -21.72 38.70
CA GLU B 216 -1.25 -22.18 39.78
CA GLU B 216 -1.26 -22.18 39.77
C GLU B 216 0.11 -22.39 39.10
N GLY B 217 0.70 -21.46 38.27
CA GLY B 217 2.04 -22.05 37.88
C GLY B 217 2.08 -23.22 36.85
N GLY B 218 0.93 -23.64 36.37
CA GLY B 218 0.84 -24.70 35.38
C GLY B 218 -0.02 -24.36 34.18
N GLY B 219 -0.38 -25.37 33.34
CA GLY B 219 -1.05 -25.08 32.06
C GLY B 219 -0.13 -24.35 31.09
N TYR B 220 -0.71 -23.91 29.97
CA TYR B 220 0.06 -23.22 28.94
C TYR B 220 -0.83 -22.35 28.08
N ALA B 221 -0.19 -21.59 27.19
CA ALA B 221 -0.89 -20.71 26.27
C ALA B 221 -0.39 -20.95 24.86
N MET B 222 -1.30 -20.66 23.91
CA MET B 222 -1.15 -20.84 22.49
C MET B 222 -1.54 -19.53 21.81
N LEU B 223 -1.07 -19.34 20.58
CA LEU B 223 -1.41 -18.14 19.82
C LEU B 223 -1.61 -18.55 18.37
N LEU B 224 -2.83 -18.32 17.87
CA LEU B 224 -3.19 -18.64 16.50
C LEU B 224 -3.30 -17.34 15.72
N SER B 225 -2.84 -17.35 14.48
CA SER B 225 -3.06 -16.21 13.61
C SER B 225 -4.51 -16.17 13.18
N SER B 226 -4.87 -15.12 12.44
CA SER B 226 -6.22 -14.97 11.93
C SER B 226 -6.63 -16.16 11.08
N ALA B 227 -5.68 -16.77 10.40
CA ALA B 227 -5.95 -17.87 9.51
C ALA B 227 -5.84 -19.22 10.18
N GLY B 228 -5.70 -19.25 11.51
CA GLY B 228 -5.52 -20.51 12.19
C GLY B 228 -4.12 -21.09 12.07
N LYS B 229 -3.14 -20.32 11.64
CA LYS B 229 -1.76 -20.79 11.65
C LYS B 229 -1.22 -20.72 13.06
N VAL B 230 -0.40 -21.70 13.42
CA VAL B 230 0.23 -21.65 14.74
C VAL B 230 1.30 -20.56 14.72
N ILE B 231 1.06 -19.51 15.49
CA ILE B 231 2.12 -18.57 15.84
C ILE B 231 2.97 -19.15 16.96
N SER B 232 2.33 -19.59 18.06
CA SER B 232 3.03 -20.21 19.16
C SER B 232 2.21 -21.34 19.79
N TYR B 233 2.85 -22.50 19.92
CA TYR B 233 2.35 -23.73 20.49
C TYR B 233 3.57 -24.37 21.15
N PRO B 234 3.42 -24.93 22.35
CA PRO B 234 4.62 -25.43 23.06
C PRO B 234 5.46 -26.39 22.25
N ASP B 235 4.87 -27.17 21.33
CA ASP B 235 5.63 -27.98 20.36
C ASP B 235 5.97 -27.06 19.20
N LYS B 236 7.23 -26.63 19.13
CA LYS B 236 7.59 -25.62 18.14
C LYS B 236 7.51 -26.14 16.72
N SER B 237 7.52 -27.47 16.50
CA SER B 237 7.46 -27.95 15.13
C SER B 237 6.11 -27.62 14.50
N GLN B 238 5.13 -27.25 15.29
CA GLN B 238 3.85 -26.82 14.73
C GLN B 238 3.90 -25.37 14.26
N THR B 239 4.97 -24.65 14.54
CA THR B 239 5.08 -23.25 14.16
C THR B 239 4.69 -23.03 12.71
N SER B 240 3.87 -22.01 12.49
CA SER B 240 3.46 -21.58 11.16
C SER B 240 2.55 -22.58 10.46
N LYS B 241 2.38 -23.76 11.04
CA LYS B 241 1.50 -24.74 10.45
C LYS B 241 0.04 -24.44 10.77
N ALA B 242 -0.86 -25.04 9.99
CA ALA B 242 -2.29 -24.93 10.27
C ALA B 242 -2.65 -25.74 11.52
N TRP B 243 -3.68 -25.28 12.22
CA TRP B 243 -4.14 -25.86 13.48
C TRP B 243 -5.34 -26.75 13.21
N GLN B 244 -5.13 -28.07 13.15
CA GLN B 244 -6.24 -29.02 13.02
C GLN B 244 -6.61 -29.59 14.39
N GLY B 245 -7.01 -28.70 15.28
CA GLY B 245 -7.41 -29.06 16.62
C GLY B 245 -8.82 -28.58 16.91
N PRO B 246 -9.35 -29.00 18.04
CA PRO B 246 -10.73 -28.64 18.36
C PRO B 246 -10.87 -27.23 18.90
N THR B 247 -10.99 -26.24 18.02
CA THR B 247 -11.39 -24.88 18.40
C THR B 247 -12.88 -24.76 18.19
N ASP B 248 -13.57 -24.12 19.14
CA ASP B 248 -15.03 -24.00 19.05
C ASP B 248 -15.42 -22.60 18.58
N ASN B 249 -15.20 -22.36 17.29
CA ASN B 249 -15.43 -21.03 16.70
C ASN B 249 -14.71 -19.95 17.51
N PHE B 250 -13.54 -20.29 18.04
CA PHE B 250 -12.75 -19.38 18.87
C PHE B 250 -13.62 -18.71 19.93
N THR B 251 -14.23 -19.54 20.74
CA THR B 251 -15.20 -19.09 21.70
C THR B 251 -14.53 -18.71 23.02
N SER B 252 -15.01 -17.64 23.62
CA SER B 252 -14.74 -17.41 25.03
C SER B 252 -15.23 -18.57 25.88
N SER B 253 -16.21 -19.34 25.41
CA SER B 253 -16.78 -20.41 26.21
C SER B 253 -15.76 -21.49 26.52
N VAL B 254 -15.78 -21.97 27.77
CA VAL B 254 -14.85 -23.00 28.19
C VAL B 254 -15.25 -24.34 27.57
N VAL B 255 -14.26 -25.12 27.18
CA VAL B 255 -14.48 -26.38 26.47
C VAL B 255 -13.40 -27.37 26.93
N GLN B 256 -13.80 -28.63 27.07
CA GLN B 256 -12.97 -29.68 27.67
C GLN B 256 -12.42 -30.57 26.56
N HIS B 257 -11.11 -30.85 26.62
CA HIS B 257 -10.48 -31.63 25.57
CA HIS B 257 -10.50 -31.65 25.57
C HIS B 257 -9.37 -32.49 26.15
N ASP B 258 -9.13 -33.64 25.52
CA ASP B 258 -7.94 -34.44 25.79
C ASP B 258 -6.73 -33.69 25.24
N ASP B 259 -5.76 -33.39 26.09
CA ASP B 259 -4.63 -32.56 25.71
C ASP B 259 -3.33 -33.35 25.72
N ALA B 260 -2.58 -33.27 24.60
CA ALA B 260 -1.33 -34.00 24.50
C ALA B 260 -0.23 -33.36 25.33
N ILE B 261 -0.14 -32.02 25.30
CA ILE B 261 0.91 -31.33 26.05
C ILE B 261 0.81 -31.67 27.53
N LEU B 262 -0.37 -31.45 28.12
CA LEU B 262 -0.54 -31.75 29.54
C LEU B 262 -0.64 -33.24 29.80
N GLY B 263 -1.14 -34.01 28.83
CA GLY B 263 -1.36 -35.42 29.05
C GLY B 263 -2.55 -35.73 29.93
N GLU B 264 -3.55 -34.86 29.94
CA GLU B 264 -4.76 -35.10 30.71
C GLU B 264 -5.88 -34.27 30.11
N GLN B 265 -7.09 -34.51 30.61
CA GLN B 265 -8.21 -33.64 30.30
C GLN B 265 -7.90 -32.20 30.67
N ALA B 266 -8.16 -31.28 29.76
CA ALA B 266 -7.84 -29.88 29.97
C ALA B 266 -8.99 -29.00 29.53
N LEU B 267 -9.07 -27.83 30.16
CA LEU B 267 -10.05 -26.81 29.80
C LEU B 267 -9.38 -25.78 28.90
N VAL B 268 -10.08 -25.36 27.85
CA VAL B 268 -9.58 -24.42 26.88
C VAL B 268 -10.52 -23.24 26.73
N THR B 269 -9.94 -22.05 26.62
CA THR B 269 -10.68 -20.81 26.41
C THR B 269 -9.85 -19.85 25.58
N TRP B 270 -10.55 -19.11 24.71
CA TRP B 270 -9.92 -18.26 23.71
C TRP B 270 -10.31 -16.80 23.92
N GLN B 271 -9.34 -15.91 23.72
CA GLN B 271 -9.56 -14.48 23.80
C GLN B 271 -8.89 -13.81 22.61
N PRO B 272 -9.56 -12.86 21.95
CA PRO B 272 -8.95 -12.17 20.82
C PRO B 272 -7.77 -11.28 21.22
N VAL B 273 -6.88 -11.07 20.26
CA VAL B 273 -5.75 -10.17 20.40
C VAL B 273 -5.73 -9.29 19.16
N THR B 274 -5.80 -7.96 19.34
CA THR B 274 -5.94 -7.06 18.20
C THR B 274 -5.05 -5.84 18.33
N ILE B 275 -4.53 -5.36 17.20
CA ILE B 275 -3.66 -4.19 17.19
C ILE B 275 -4.38 -3.07 16.45
N GLY B 276 -4.15 -1.83 16.91
CA GLY B 276 -4.53 -0.66 16.15
C GLY B 276 -5.97 -0.69 15.71
N ASN B 277 -6.19 -0.29 14.45
CA ASN B 277 -7.49 -0.34 13.82
C ASN B 277 -7.69 -1.59 13.02
N SER B 278 -6.97 -2.67 13.33
CA SER B 278 -7.18 -3.88 12.57
C SER B 278 -8.59 -4.43 12.82
N THR B 279 -9.24 -4.83 11.74
CA THR B 279 -10.51 -5.55 11.82
C THR B 279 -10.32 -7.05 12.00
N GLU B 280 -9.12 -7.55 11.74
CA GLU B 280 -8.77 -8.95 11.95
C GLU B 280 -8.10 -9.10 13.31
N LYS B 281 -8.02 -10.33 13.78
CA LYS B 281 -7.46 -10.57 15.10
C LYS B 281 -6.67 -11.87 15.14
N TRP B 282 -5.80 -11.95 16.12
CA TRP B 282 -5.15 -13.17 16.55
C TRP B 282 -5.89 -13.69 17.79
N TYR B 283 -5.63 -14.95 18.14
CA TYR B 283 -6.33 -15.62 19.23
C TYR B 283 -5.32 -16.21 20.20
N LEU B 284 -5.43 -15.83 21.46
CA LEU B 284 -4.70 -16.46 22.54
C LEU B 284 -5.59 -17.53 23.17
N GLY B 285 -5.09 -18.76 23.20
CA GLY B 285 -5.77 -19.86 23.86
C GLY B 285 -5.10 -20.18 25.19
N ILE B 286 -5.93 -20.40 26.22
CA ILE B 286 -5.48 -20.76 27.55
C ILE B 286 -5.92 -22.21 27.80
N VAL B 287 -5.00 -23.05 28.28
CA VAL B 287 -5.24 -24.47 28.46
C VAL B 287 -4.84 -24.88 29.87
N VAL B 288 -5.77 -25.41 30.63
CA VAL B 288 -5.46 -25.77 32.01
C VAL B 288 -6.02 -27.15 32.36
N PRO B 289 -5.32 -27.93 33.19
CA PRO B 289 -5.81 -29.27 33.53
C PRO B 289 -7.15 -29.23 34.27
N VAL B 290 -8.03 -30.16 33.91
CA VAL B 290 -9.35 -30.19 34.56
C VAL B 290 -9.21 -30.55 36.02
N SER B 291 -8.23 -31.38 36.38
CA SER B 291 -8.10 -31.82 37.77
C SER B 291 -7.83 -30.63 38.69
N GLN B 292 -7.05 -29.65 38.24
CA GLN B 292 -6.71 -28.52 39.10
CA GLN B 292 -6.71 -28.51 39.10
C GLN B 292 -7.79 -27.45 39.12
N VAL B 293 -8.64 -27.39 38.09
CA VAL B 293 -9.78 -26.49 38.16
C VAL B 293 -10.89 -27.10 39.00
N MET B 294 -11.14 -28.40 38.85
CA MET B 294 -12.12 -29.08 39.69
C MET B 294 -11.76 -28.97 41.17
N ALA B 295 -10.51 -28.63 41.49
CA ALA B 295 -10.12 -28.50 42.90
C ALA B 295 -11.00 -27.49 43.62
N ALA B 296 -11.15 -26.30 43.04
CA ALA B 296 -12.02 -25.28 43.64
C ALA B 296 -12.99 -24.69 42.62
N SER C 30 -4.03 31.39 -28.67
CA SER C 30 -2.94 32.02 -27.93
C SER C 30 -1.85 30.99 -27.63
N LEU C 31 -0.59 31.40 -27.65
CA LEU C 31 0.48 30.41 -27.44
C LEU C 31 0.37 29.73 -26.07
N ALA C 32 0.27 30.54 -25.03
CA ALA C 32 0.09 30.00 -23.69
C ALA C 32 -1.08 29.04 -23.63
N GLU C 33 -2.18 29.39 -24.28
CA GLU C 33 -3.38 28.57 -24.25
C GLU C 33 -3.16 27.24 -24.98
N ARG C 34 -2.38 27.27 -26.07
CA ARG C 34 -2.09 26.01 -26.75
C ARG C 34 -1.17 25.13 -25.93
N TYR C 35 -0.14 25.74 -25.33
CA TYR C 35 0.74 25.03 -24.41
C TYR C 35 -0.07 24.34 -23.30
N LEU C 36 -1.04 25.07 -22.72
CA LEU C 36 -1.84 24.48 -21.65
C LEU C 36 -2.66 23.30 -22.17
N GLN C 37 -3.23 23.44 -23.35
CA GLN C 37 -4.00 22.35 -23.94
C GLN C 37 -3.12 21.14 -24.21
N GLN C 38 -1.86 21.38 -24.60
CA GLN C 38 -0.91 20.30 -24.88
C GLN C 38 -0.45 19.61 -23.59
N ILE C 39 -0.34 20.37 -22.49
CA ILE C 39 -0.06 19.77 -21.19
C ILE C 39 -1.16 18.80 -20.81
N ALA C 40 -2.41 19.23 -20.94
CA ALA C 40 -3.52 18.38 -20.58
C ALA C 40 -3.53 17.10 -21.42
N GLN C 41 -3.23 17.25 -22.69
CA GLN C 41 -3.17 16.11 -23.61
C GLN C 41 -2.12 15.12 -23.15
N SER C 42 -0.92 15.61 -22.84
CA SER C 42 0.12 14.70 -22.33
C SER C 42 -0.34 13.97 -21.07
N GLU C 43 -0.89 14.70 -20.11
CA GLU C 43 -1.29 14.05 -18.87
C GLU C 43 -2.50 13.14 -19.08
N ALA C 44 -3.43 13.49 -19.99
CA ALA C 44 -4.53 12.58 -20.27
C ALA C 44 -4.01 11.28 -20.90
N LEU C 45 -3.00 11.38 -21.76
CA LEU C 45 -2.44 10.17 -22.40
C LEU C 45 -1.74 9.29 -21.38
N ARG C 46 -1.15 9.88 -20.35
CA ARG C 46 -0.48 9.08 -19.32
C ARG C 46 -1.48 8.28 -18.51
N ILE C 47 -2.56 8.93 -18.06
CA ILE C 47 -3.63 8.24 -17.35
C ILE C 47 -4.27 7.21 -18.25
N GLN C 48 -4.49 7.58 -19.52
CA GLN C 48 -5.05 6.65 -20.49
C GLN C 48 -4.18 5.40 -20.66
N GLN C 49 -2.85 5.55 -20.57
CA GLN C 49 -1.95 4.38 -20.62
C GLN C 49 -2.26 3.43 -19.47
N GLU C 50 -2.47 3.96 -18.26
CA GLU C 50 -2.77 3.11 -17.10
C GLU C 50 -4.07 2.35 -17.27
N LEU C 51 -5.12 3.04 -17.73
CA LEU C 51 -6.42 2.39 -17.90
C LEU C 51 -6.40 1.40 -19.06
N ASN C 52 -5.70 1.72 -20.14
CA ASN C 52 -5.62 0.79 -21.27
C ASN C 52 -4.84 -0.46 -20.89
N TYR C 53 -3.88 -0.33 -20.00
CA TYR C 53 -3.19 -1.50 -19.48
C TYR C 53 -4.15 -2.46 -18.80
N ALA C 54 -5.04 -1.94 -17.96
CA ALA C 54 -6.06 -2.78 -17.35
C ALA C 54 -7.03 -3.28 -18.41
N ARG C 55 -7.36 -2.47 -19.40
CA ARG C 55 -8.25 -2.97 -20.46
C ARG C 55 -7.60 -4.15 -21.19
N ASP C 56 -6.29 -4.07 -21.41
CA ASP C 56 -5.56 -5.11 -22.13
C ASP C 56 -5.50 -6.42 -21.34
N VAL C 57 -5.27 -6.33 -20.03
CA VAL C 57 -5.28 -7.53 -19.17
C VAL C 57 -6.60 -8.27 -19.35
N ALA C 58 -7.71 -7.54 -19.28
CA ALA C 58 -9.02 -8.18 -19.39
C ALA C 58 -9.27 -8.66 -20.82
N HIS C 59 -8.91 -7.85 -21.80
CA HIS C 59 -9.18 -8.20 -23.19
C HIS C 59 -8.34 -9.39 -23.62
N ASN C 60 -7.05 -9.37 -23.32
CA ASN C 60 -6.18 -10.46 -23.76
C ASN C 60 -6.48 -11.73 -22.98
N LEU C 61 -6.90 -11.63 -21.71
CA LEU C 61 -7.34 -12.82 -20.99
C LEU C 61 -8.55 -13.41 -21.67
N GLY C 62 -9.49 -12.55 -22.06
CA GLY C 62 -10.70 -13.02 -22.73
C GLY C 62 -10.42 -13.74 -24.04
N GLN C 63 -9.46 -13.24 -24.84
CA GLN C 63 -9.14 -13.91 -26.11
C GLN C 63 -8.50 -15.28 -25.86
N GLY C 64 -7.71 -15.40 -24.79
CA GLY C 64 -7.17 -16.72 -24.45
C GLY C 64 -8.26 -17.67 -23.98
N LEU C 65 -9.24 -17.16 -23.22
CA LEU C 65 -10.32 -18.01 -22.73
C LEU C 65 -11.16 -18.55 -23.88
N ALA C 66 -11.47 -17.68 -24.86
CA ALA C 66 -12.28 -18.11 -25.98
C ALA C 66 -11.56 -19.17 -26.80
N ALA C 67 -10.23 -19.22 -26.69
CA ALA C 67 -9.47 -20.21 -27.43
C ALA C 67 -9.62 -21.59 -26.83
N LEU C 68 -9.95 -21.68 -25.52
CA LEU C 68 -9.96 -22.96 -24.83
C LEU C 68 -10.94 -23.94 -25.46
N PRO C 69 -12.23 -23.60 -25.63
CA PRO C 69 -13.15 -24.57 -26.23
C PRO C 69 -12.72 -24.97 -27.62
N SER C 70 -12.18 -24.01 -28.39
CA SER C 70 -11.65 -24.33 -29.70
C SER C 70 -10.58 -25.40 -29.63
N ALA C 71 -9.79 -25.45 -28.54
CA ALA C 71 -8.77 -26.47 -28.37
C ALA C 71 -9.22 -27.69 -27.58
N GLY C 72 -10.54 -27.87 -27.39
CA GLY C 72 -11.03 -29.01 -26.64
C GLY C 72 -11.04 -28.84 -25.12
N ILE C 73 -10.67 -27.70 -24.57
CA ILE C 73 -10.58 -27.53 -23.13
C ILE C 73 -11.90 -26.99 -22.60
N LYS C 74 -12.55 -27.77 -21.72
CA LYS C 74 -13.88 -27.44 -21.20
C LYS C 74 -13.95 -27.55 -19.67
N ASP C 75 -12.82 -27.44 -18.98
CA ASP C 75 -12.75 -27.50 -17.53
C ASP C 75 -12.86 -26.10 -16.96
N ARG C 76 -13.92 -25.83 -16.22
CA ARG C 76 -14.04 -24.53 -15.58
C ARG C 76 -12.84 -24.22 -14.70
N ALA C 77 -12.16 -25.24 -14.17
CA ALA C 77 -11.01 -25.00 -13.31
C ALA C 77 -9.81 -24.43 -14.06
N VAL C 78 -9.67 -24.71 -15.36
CA VAL C 78 -8.64 -24.05 -16.17
C VAL C 78 -8.87 -22.55 -16.18
N VAL C 79 -10.12 -22.13 -16.34
CA VAL C 79 -10.47 -20.71 -16.33
C VAL C 79 -10.04 -20.08 -15.00
N ASP C 80 -10.43 -20.72 -13.89
CA ASP C 80 -10.00 -20.27 -12.57
C ASP C 80 -8.50 -19.98 -12.51
N LYS C 81 -7.70 -20.92 -13.02
CA LYS C 81 -6.25 -20.80 -12.90
C LYS C 81 -5.76 -19.63 -13.72
N MET C 82 -6.36 -19.40 -14.87
CA MET C 82 -5.91 -18.33 -15.73
C MET C 82 -6.26 -16.96 -15.14
N MET C 83 -7.44 -16.83 -14.52
CA MET C 83 -7.76 -15.61 -13.76
C MET C 83 -6.82 -15.37 -12.59
N GLU C 84 -6.48 -16.43 -11.86
CA GLU C 84 -5.53 -16.29 -10.77
C GLU C 84 -4.21 -15.75 -11.27
N TYR C 85 -3.68 -16.35 -12.33
CA TYR C 85 -2.40 -15.88 -12.84
C TYR C 85 -2.47 -14.44 -13.30
N ALA C 86 -3.58 -14.04 -13.91
CA ALA C 86 -3.70 -12.64 -14.32
C ALA C 86 -3.70 -11.72 -13.09
N LEU C 87 -4.40 -12.12 -12.01
CA LEU C 87 -4.40 -11.29 -10.80
C LEU C 87 -3.03 -11.30 -10.13
N ARG C 88 -2.39 -12.46 -10.06
CA ARG C 88 -1.02 -12.53 -9.56
C ARG C 88 -0.11 -11.50 -10.25
N ASP C 89 -0.25 -11.36 -11.57
CA ASP C 89 0.63 -10.52 -12.38
C ASP C 89 0.30 -9.03 -12.26
N ASN C 90 -0.78 -8.70 -11.55
CA ASN C 90 -1.27 -7.33 -11.38
C ASN C 90 -1.59 -7.14 -9.91
N PRO C 91 -0.55 -7.12 -9.07
CA PRO C 91 -0.75 -7.24 -7.61
C PRO C 91 -1.52 -6.11 -6.99
N GLU C 92 -1.64 -4.98 -7.66
CA GLU C 92 -2.34 -3.85 -7.09
C GLU C 92 -3.83 -3.88 -7.39
N TYR C 93 -4.25 -4.66 -8.38
CA TYR C 93 -5.65 -4.80 -8.74
C TYR C 93 -6.45 -5.39 -7.57
N LEU C 94 -7.74 -5.09 -7.55
CA LEU C 94 -8.59 -5.68 -6.51
C LEU C 94 -9.06 -7.06 -6.88
N SER C 95 -9.50 -7.25 -8.13
CA SER C 95 -9.94 -8.56 -8.57
C SER C 95 -9.97 -8.58 -10.10
N ILE C 96 -10.13 -9.78 -10.63
CA ILE C 96 -10.46 -10.00 -12.02
C ILE C 96 -11.75 -10.79 -12.04
N SER C 97 -12.69 -10.35 -12.86
CA SER C 97 -14.00 -11.01 -13.00
C SER C 97 -14.17 -11.51 -14.42
N VAL C 98 -14.75 -12.71 -14.55
CA VAL C 98 -15.04 -13.32 -15.84
C VAL C 98 -16.49 -13.80 -15.85
N ILE C 99 -17.26 -13.32 -16.83
CA ILE C 99 -18.64 -13.82 -17.03
C ILE C 99 -18.73 -14.39 -18.44
N PHE C 100 -18.93 -15.71 -18.56
CA PHE C 100 -19.22 -16.30 -19.86
C PHE C 100 -20.70 -16.06 -20.21
N GLU C 101 -20.99 -16.06 -21.51
CA GLU C 101 -22.38 -16.07 -21.91
C GLU C 101 -23.01 -17.41 -21.52
N GLU C 102 -24.34 -17.47 -21.54
CA GLU C 102 -25.03 -18.66 -21.09
C GLU C 102 -24.59 -19.87 -21.91
N ASN C 103 -24.04 -20.87 -21.21
CA ASN C 103 -23.70 -22.21 -21.71
C ASN C 103 -22.61 -22.23 -22.79
N VAL C 104 -21.93 -21.11 -23.06
CA VAL C 104 -21.06 -21.10 -24.25
C VAL C 104 -19.75 -21.83 -24.01
N PHE C 105 -19.28 -21.88 -22.77
CA PHE C 105 -17.98 -22.51 -22.48
C PHE C 105 -18.10 -24.03 -22.56
N ASP C 106 -19.00 -24.60 -21.75
CA ASP C 106 -19.13 -26.04 -21.65
C ASP C 106 -20.56 -26.54 -21.81
N GLY C 107 -21.53 -25.65 -21.98
CA GLY C 107 -22.90 -26.15 -22.10
C GLY C 107 -23.45 -26.80 -20.86
N ARG C 108 -22.83 -26.59 -19.70
CA ARG C 108 -23.22 -27.29 -18.47
C ARG C 108 -23.80 -26.38 -17.38
N ASP C 109 -24.24 -25.16 -17.72
CA ASP C 109 -24.77 -24.25 -16.70
C ASP C 109 -25.86 -24.93 -15.85
N ALA C 110 -26.76 -25.69 -16.48
CA ALA C 110 -27.86 -26.30 -15.75
C ALA C 110 -27.37 -27.23 -14.64
N GLU C 111 -26.24 -27.90 -14.86
CA GLU C 111 -25.72 -28.78 -13.81
C GLU C 111 -25.26 -27.98 -12.61
N PHE C 112 -24.74 -26.78 -12.83
CA PHE C 112 -24.29 -25.93 -11.74
C PHE C 112 -25.40 -25.07 -11.14
N ALA C 113 -26.52 -24.90 -11.84
CA ALA C 113 -27.65 -24.13 -11.35
C ALA C 113 -28.07 -24.60 -9.96
N ASP C 114 -28.23 -23.61 -9.06
CA ASP C 114 -28.68 -23.74 -7.67
C ASP C 114 -27.87 -24.74 -6.82
N GLN C 115 -26.65 -25.06 -7.18
CA GLN C 115 -25.79 -25.84 -6.29
C GLN C 115 -25.17 -24.88 -5.29
N PRO C 116 -24.83 -25.35 -4.10
CA PRO C 116 -24.31 -24.42 -3.09
C PRO C 116 -23.05 -23.72 -3.58
N GLY C 117 -23.05 -22.39 -3.46
CA GLY C 117 -21.85 -21.61 -3.68
C GLY C 117 -21.63 -21.15 -5.10
N GLN C 118 -22.59 -21.36 -5.98
CA GLN C 118 -22.46 -21.03 -7.40
C GLN C 118 -23.17 -19.71 -7.67
N ALA C 119 -22.96 -19.22 -8.89
CA ALA C 119 -23.52 -17.97 -9.38
C ALA C 119 -24.91 -18.21 -9.93
N PRO C 120 -25.71 -17.16 -10.07
CA PRO C 120 -27.08 -17.35 -10.56
C PRO C 120 -27.12 -18.16 -11.85
N LYS C 121 -28.03 -19.14 -11.87
CA LYS C 121 -28.31 -19.98 -13.04
C LYS C 121 -27.09 -20.82 -13.48
N GLY C 122 -26.15 -21.08 -12.59
CA GLY C 122 -25.04 -21.96 -12.93
C GLY C 122 -24.07 -21.38 -13.94
N ARG C 123 -24.16 -20.08 -14.22
CA ARG C 123 -23.27 -19.43 -15.18
C ARG C 123 -21.83 -19.56 -14.73
N TYR C 124 -20.91 -19.66 -15.69
CA TYR C 124 -19.55 -19.35 -15.28
C TYR C 124 -19.45 -17.84 -15.07
N ALA C 125 -19.69 -17.38 -13.83
CA ALA C 125 -19.61 -15.97 -13.43
C ALA C 125 -18.84 -15.93 -12.10
N TRP C 126 -17.53 -15.72 -12.18
CA TRP C 126 -16.64 -15.75 -11.04
C TRP C 126 -15.73 -14.53 -11.03
N PHE C 127 -15.27 -14.19 -9.82
CA PHE C 127 -14.07 -13.38 -9.73
C PHE C 127 -13.07 -14.03 -8.81
N VAL C 128 -11.81 -13.58 -8.96
CA VAL C 128 -10.71 -14.01 -8.11
C VAL C 128 -10.19 -12.79 -7.36
N ASP C 129 -9.96 -12.96 -6.07
CA ASP C 129 -9.36 -11.91 -5.25
C ASP C 129 -8.41 -12.58 -4.24
N ARG C 130 -7.82 -11.76 -3.38
CA ARG C 130 -6.94 -12.23 -2.32
C ARG C 130 -7.63 -12.11 -0.97
N ASP C 131 -7.39 -13.14 -0.15
CA ASP C 131 -7.71 -13.30 1.26
C ASP C 131 -7.04 -12.24 2.12
N GLN C 132 -7.51 -12.09 3.38
CA GLN C 132 -6.72 -11.35 4.37
C GLN C 132 -5.34 -11.90 4.59
N ALA C 133 -5.18 -13.21 4.46
CA ALA C 133 -3.90 -13.88 4.61
C ALA C 133 -3.12 -13.94 3.29
N GLY C 134 -3.70 -13.42 2.20
CA GLY C 134 -3.04 -13.36 0.92
C GLY C 134 -3.33 -14.52 -0.02
N ASN C 135 -4.14 -15.50 0.38
CA ASN C 135 -4.48 -16.59 -0.54
C ASN C 135 -5.40 -16.10 -1.66
N TYR C 136 -5.18 -16.63 -2.86
CA TYR C 136 -6.12 -16.41 -3.96
C TYR C 136 -7.39 -17.23 -3.74
N ALA C 137 -8.53 -16.59 -3.98
CA ALA C 137 -9.84 -17.16 -3.67
C ALA C 137 -10.81 -16.88 -4.82
N MET C 138 -11.63 -17.86 -5.16
CA MET C 138 -12.65 -17.75 -6.21
C MET C 138 -13.98 -17.45 -5.52
N HIS C 139 -14.76 -16.53 -6.08
CA HIS C 139 -16.09 -16.17 -5.52
C HIS C 139 -17.11 -16.02 -6.63
N PRO C 140 -18.34 -16.50 -6.43
CA PRO C 140 -19.34 -16.33 -7.50
C PRO C 140 -19.75 -14.87 -7.62
N LEU C 141 -20.03 -14.46 -8.87
CA LEU C 141 -20.61 -13.13 -9.13
C LEU C 141 -22.12 -13.12 -8.85
N LEU C 142 -22.45 -12.96 -7.57
CA LEU C 142 -23.86 -12.98 -7.19
C LEU C 142 -24.64 -11.82 -7.81
N SER C 143 -23.97 -10.73 -8.21
CA SER C 143 -24.67 -9.55 -8.70
C SER C 143 -24.77 -9.47 -10.21
N TYR C 144 -24.19 -10.42 -10.98
CA TYR C 144 -23.93 -10.15 -12.39
C TYR C 144 -25.23 -9.88 -13.18
N LEU C 145 -26.37 -10.33 -12.66
CA LEU C 145 -27.66 -10.11 -13.32
C LEU C 145 -28.45 -8.95 -12.70
N THR C 146 -27.95 -8.25 -11.70
CA THR C 146 -28.83 -7.22 -11.14
C THR C 146 -28.42 -5.81 -11.59
N PRO C 147 -29.35 -5.08 -12.22
CA PRO C 147 -29.06 -3.70 -12.66
C PRO C 147 -28.46 -2.85 -11.54
N GLY C 148 -27.43 -2.10 -11.89
CA GLY C 148 -26.72 -1.29 -10.93
C GLY C 148 -25.40 -1.93 -10.56
N GLN C 149 -25.49 -2.67 -9.47
CA GLN C 149 -24.33 -3.38 -8.99
C GLN C 149 -23.75 -4.24 -10.12
N GLY C 150 -24.62 -4.91 -10.92
CA GLY C 150 -24.20 -5.79 -12.01
C GLY C 150 -23.69 -5.11 -13.28
N ASP C 151 -23.63 -3.76 -13.29
CA ASP C 151 -23.38 -3.05 -14.55
C ASP C 151 -22.05 -3.43 -15.20
N TYR C 152 -21.06 -3.85 -14.40
CA TYR C 152 -19.77 -4.29 -14.98
C TYR C 152 -19.95 -5.35 -16.03
N TYR C 153 -21.04 -6.12 -15.96
CA TYR C 153 -21.39 -7.13 -16.95
C TYR C 153 -22.50 -6.67 -17.88
N LEU C 154 -23.60 -6.19 -17.30
CA LEU C 154 -24.83 -5.94 -18.07
C LEU C 154 -24.64 -4.87 -19.14
N LEU C 155 -23.81 -3.86 -18.86
CA LEU C 155 -23.71 -2.80 -19.86
C LEU C 155 -22.80 -3.20 -21.01
N PRO C 156 -21.60 -3.72 -20.76
CA PRO C 156 -20.77 -4.17 -21.90
C PRO C 156 -21.32 -5.40 -22.60
N GLN C 157 -22.07 -6.24 -21.89
CA GLN C 157 -22.76 -7.36 -22.53
C GLN C 157 -23.68 -6.88 -23.64
N LYS C 158 -24.39 -5.77 -23.39
CA LYS C 158 -25.33 -5.28 -24.38
C LYS C 158 -24.64 -4.39 -25.41
N SER C 159 -23.65 -3.56 -25.03
CA SER C 159 -23.01 -2.70 -26.03
C SER C 159 -21.93 -3.43 -26.82
N GLN C 160 -21.36 -4.50 -26.29
CA GLN C 160 -20.16 -5.17 -26.81
C GLN C 160 -18.98 -4.22 -26.98
N LYS C 161 -18.96 -3.15 -26.17
CA LYS C 161 -17.87 -2.17 -26.18
C LYS C 161 -17.07 -2.24 -24.89
N ASP C 162 -15.75 -2.03 -25.01
CA ASP C 162 -14.92 -1.80 -23.83
C ASP C 162 -15.52 -0.63 -23.03
N THR C 163 -15.52 -0.74 -21.71
CA THR C 163 -16.27 0.22 -20.88
C THR C 163 -15.55 0.51 -19.58
N LEU C 164 -15.35 1.80 -19.29
CA LEU C 164 -14.99 2.26 -17.94
C LEU C 164 -16.29 2.40 -17.15
N ILE C 165 -16.51 1.53 -16.17
CA ILE C 165 -17.76 1.43 -15.43
C ILE C 165 -17.82 2.54 -14.39
N GLU C 166 -19.01 3.11 -14.21
CA GLU C 166 -19.19 4.19 -13.23
C GLU C 166 -18.77 3.72 -11.84
N PRO C 167 -18.10 4.58 -11.06
CA PRO C 167 -17.64 4.15 -9.74
C PRO C 167 -18.77 3.59 -8.90
N TYR C 168 -18.45 2.52 -8.18
CA TYR C 168 -19.40 1.83 -7.32
C TYR C 168 -18.61 1.23 -6.16
N THR C 169 -19.26 0.36 -5.37
CA THR C 169 -18.68 -0.12 -4.13
C THR C 169 -18.75 -1.64 -4.02
N TYR C 170 -17.73 -2.22 -3.38
CA TYR C 170 -17.70 -3.65 -3.11
C TYR C 170 -16.84 -3.85 -1.87
N ALA C 171 -17.31 -4.68 -0.94
CA ALA C 171 -16.60 -4.95 0.30
C ALA C 171 -15.66 -6.13 0.06
N TYR C 172 -14.37 -5.86 0.01
CA TYR C 172 -13.35 -6.89 -0.16
C TYR C 172 -12.86 -7.24 1.24
N ASN C 173 -12.94 -8.53 1.59
CA ASN C 173 -12.56 -8.97 2.94
C ASN C 173 -13.20 -8.09 4.00
N GLY C 174 -14.44 -7.68 3.75
CA GLY C 174 -15.20 -6.95 4.75
C GLY C 174 -14.94 -5.46 4.73
N VAL C 175 -14.11 -4.98 3.82
CA VAL C 175 -13.65 -3.59 3.79
C VAL C 175 -14.35 -2.92 2.61
N PRO C 176 -15.36 -2.09 2.85
CA PRO C 176 -16.02 -1.37 1.75
C PRO C 176 -14.99 -0.58 0.96
N THR C 177 -14.95 -0.83 -0.35
CA THR C 177 -13.98 -0.25 -1.26
C THR C 177 -14.68 0.36 -2.47
N LEU C 178 -14.41 1.63 -2.74
CA LEU C 178 -14.87 2.28 -3.97
C LEU C 178 -14.00 1.85 -5.14
N LEU C 179 -14.61 1.47 -6.24
CA LEU C 179 -13.79 0.97 -7.35
C LEU C 179 -14.42 1.34 -8.68
N THR C 180 -13.64 1.09 -9.76
CA THR C 180 -14.19 1.02 -11.10
C THR C 180 -13.84 -0.36 -11.66
N SER C 181 -14.61 -0.80 -12.66
CA SER C 181 -14.23 -1.97 -13.44
C SER C 181 -13.87 -1.52 -14.86
N VAL C 182 -12.75 -2.01 -15.37
CA VAL C 182 -12.36 -1.77 -16.76
C VAL C 182 -12.82 -3.03 -17.49
N ALA C 183 -13.96 -2.90 -18.20
CA ALA C 183 -14.69 -4.05 -18.72
C ALA C 183 -14.39 -4.22 -20.22
N ALA C 184 -14.11 -5.45 -20.62
CA ALA C 184 -13.71 -5.78 -22.00
C ALA C 184 -14.59 -6.94 -22.46
N PRO C 185 -15.59 -6.68 -23.31
CA PRO C 185 -16.36 -7.79 -23.89
C PRO C 185 -15.45 -8.71 -24.72
N ILE C 186 -15.74 -10.01 -24.68
CA ILE C 186 -14.99 -11.03 -25.43
C ILE C 186 -15.74 -11.26 -26.74
N VAL C 187 -15.19 -10.76 -27.84
CA VAL C 187 -15.75 -10.95 -29.15
C VAL C 187 -14.70 -11.68 -29.98
N SER C 188 -15.07 -12.84 -30.50
CA SER C 188 -14.13 -13.56 -31.34
C SER C 188 -14.91 -14.18 -32.49
N GLN C 189 -14.41 -13.95 -33.71
CA GLN C 189 -15.04 -14.40 -34.94
C GLN C 189 -16.53 -14.10 -34.94
N GLY C 190 -16.86 -12.85 -34.64
CA GLY C 190 -18.22 -12.38 -34.67
C GLY C 190 -19.15 -12.98 -33.63
N LYS C 191 -18.63 -13.67 -32.63
CA LYS C 191 -19.43 -14.21 -31.52
C LYS C 191 -19.05 -13.58 -30.18
N LEU C 192 -20.07 -13.25 -29.37
CA LEU C 192 -19.86 -12.72 -28.04
C LEU C 192 -19.71 -13.89 -27.09
N TRP C 193 -18.54 -14.01 -26.47
CA TRP C 193 -18.29 -15.09 -25.52
C TRP C 193 -18.58 -14.68 -24.07
N GLY C 194 -18.65 -13.39 -23.79
CA GLY C 194 -18.80 -12.94 -22.42
C GLY C 194 -18.10 -11.61 -22.17
N VAL C 195 -17.76 -11.38 -20.89
CA VAL C 195 -17.09 -10.15 -20.47
C VAL C 195 -16.03 -10.47 -19.43
N VAL C 196 -14.87 -9.81 -19.54
CA VAL C 196 -13.84 -9.86 -18.52
C VAL C 196 -13.64 -8.44 -17.98
N THR C 197 -13.44 -8.31 -16.67
CA THR C 197 -13.17 -7.01 -16.08
C THR C 197 -11.91 -7.03 -15.23
N SER C 198 -11.18 -5.92 -15.28
CA SER C 198 -10.13 -5.61 -14.32
C SER C 198 -10.71 -4.64 -13.28
N ASP C 199 -10.67 -5.02 -12.03
CA ASP C 199 -11.34 -4.27 -10.97
C ASP C 199 -10.31 -3.49 -10.19
N ILE C 200 -10.42 -2.16 -10.26
CA ILE C 200 -9.37 -1.21 -9.90
C ILE C 200 -9.90 -0.27 -8.83
N SER C 201 -9.16 -0.08 -7.75
CA SER C 201 -9.66 0.81 -6.70
C SER C 201 -9.58 2.28 -7.12
N LEU C 202 -10.52 3.08 -6.62
CA LEU C 202 -10.43 4.51 -6.90
C LEU C 202 -9.22 5.13 -6.20
N ALA C 203 -8.88 4.62 -5.01
CA ALA C 203 -7.68 5.09 -4.30
C ALA C 203 -6.44 5.02 -5.19
N SER C 204 -6.30 3.95 -5.96
CA SER C 204 -5.12 3.81 -6.82
C SER C 204 -5.10 4.87 -7.92
N LEU C 205 -6.26 5.17 -8.49
CA LEU C 205 -6.33 6.20 -9.50
C LEU C 205 -6.05 7.57 -8.91
N GLN C 206 -6.59 7.85 -7.73
CA GLN C 206 -6.38 9.14 -7.09
C GLN C 206 -4.90 9.38 -6.81
N GLN C 207 -4.20 8.34 -6.35
CA GLN C 207 -2.76 8.44 -6.17
CA GLN C 207 -2.76 8.44 -6.16
C GLN C 207 -2.09 8.96 -7.42
N LYS C 208 -2.47 8.45 -8.59
CA LYS C 208 -1.84 8.88 -9.83
C LYS C 208 -2.26 10.31 -10.21
N ILE C 209 -3.56 10.61 -10.15
CA ILE C 209 -4.00 11.97 -10.49
C ILE C 209 -3.35 13.02 -9.57
N ASN C 210 -3.25 12.72 -8.28
CA ASN C 210 -2.70 13.64 -7.29
C ASN C 210 -1.20 13.81 -7.39
N GLN C 211 -0.51 12.99 -8.17
CA GLN C 211 0.89 13.28 -8.45
C GLN C 211 1.08 14.41 -9.44
N ILE C 212 0.08 14.69 -10.28
CA ILE C 212 0.23 15.60 -11.41
C ILE C 212 0.36 17.03 -10.90
N LYS C 213 1.44 17.72 -11.29
CA LYS C 213 1.71 19.12 -11.01
C LYS C 213 1.87 19.75 -12.38
N PRO C 214 0.79 20.30 -12.95
CA PRO C 214 0.83 20.66 -14.38
C PRO C 214 1.63 21.91 -14.70
N TRP C 215 2.10 22.68 -13.72
CA TRP C 215 2.75 23.95 -14.08
C TRP C 215 3.83 24.30 -13.07
N GLU C 216 5.09 24.06 -13.46
CA GLU C 216 6.27 24.40 -12.66
C GLU C 216 6.13 23.92 -11.21
N GLY C 217 5.67 22.68 -11.07
CA GLY C 217 5.57 22.11 -9.74
C GLY C 217 4.30 22.47 -9.00
N GLY C 218 3.46 23.32 -9.58
CA GLY C 218 2.17 23.62 -9.00
C GLY C 218 0.97 23.32 -9.89
N GLY C 219 -0.19 23.84 -9.50
CA GLY C 219 -1.44 23.47 -10.12
C GLY C 219 -1.84 22.08 -9.68
N TYR C 220 -2.95 21.61 -10.25
CA TYR C 220 -3.40 20.27 -9.95
C TYR C 220 -4.29 19.73 -11.05
N ALA C 221 -4.58 18.44 -10.94
CA ALA C 221 -5.40 17.74 -11.90
C ALA C 221 -6.58 17.10 -11.20
N MET C 222 -7.61 16.85 -12.00
CA MET C 222 -8.85 16.21 -11.56
C MET C 222 -9.26 15.19 -12.62
N LEU C 223 -10.11 14.25 -12.21
CA LEU C 223 -10.56 13.21 -13.14
C LEU C 223 -12.05 12.99 -12.94
N LEU C 224 -12.82 13.13 -14.01
CA LEU C 224 -14.27 12.92 -14.01
C LEU C 224 -14.65 11.69 -14.84
N SER C 225 -15.76 11.06 -14.42
CA SER C 225 -16.32 9.90 -15.09
C SER C 225 -17.19 10.36 -16.26
N SER C 226 -17.62 9.39 -17.07
CA SER C 226 -18.50 9.67 -18.20
C SER C 226 -19.76 10.41 -17.78
N ALA C 227 -20.32 10.04 -16.63
CA ALA C 227 -21.50 10.73 -16.11
C ALA C 227 -21.16 11.97 -15.30
N GLY C 228 -19.90 12.38 -15.25
CA GLY C 228 -19.52 13.57 -14.51
C GLY C 228 -19.29 13.36 -13.04
N LYS C 229 -19.16 12.12 -12.59
CA LYS C 229 -18.80 11.85 -11.20
C LYS C 229 -17.33 12.12 -10.97
N VAL C 230 -17.02 12.71 -9.82
CA VAL C 230 -15.65 12.93 -9.44
C VAL C 230 -14.99 11.58 -9.21
N ILE C 231 -13.90 11.34 -9.92
CA ILE C 231 -13.05 10.20 -9.64
C ILE C 231 -11.88 10.62 -8.75
N SER C 232 -11.32 11.79 -9.01
CA SER C 232 -10.22 12.33 -8.21
C SER C 232 -10.31 13.84 -8.27
N TYR C 233 -10.30 14.44 -7.07
CA TYR C 233 -10.28 15.84 -6.81
C TYR C 233 -9.45 15.95 -5.54
N PRO C 234 -8.57 16.95 -5.42
CA PRO C 234 -7.67 16.95 -4.25
C PRO C 234 -8.40 16.92 -2.91
N ASP C 235 -9.63 17.43 -2.82
CA ASP C 235 -10.49 17.27 -1.64
C ASP C 235 -11.23 15.95 -1.77
N LYS C 236 -10.72 14.91 -1.09
CA LYS C 236 -11.18 13.55 -1.32
C LYS C 236 -12.64 13.34 -0.91
N SER C 237 -13.23 14.22 -0.10
CA SER C 237 -14.61 14.00 0.29
C SER C 237 -15.55 14.07 -0.91
N GLN C 238 -15.11 14.63 -2.03
CA GLN C 238 -15.94 14.73 -3.23
C GLN C 238 -15.97 13.47 -4.07
N THR C 239 -15.34 12.38 -3.66
CA THR C 239 -15.26 11.20 -4.50
C THR C 239 -16.63 10.58 -4.75
N SER C 240 -16.82 10.12 -5.99
CA SER C 240 -18.06 9.52 -6.49
C SER C 240 -19.24 10.47 -6.45
N LYS C 241 -19.01 11.74 -6.14
CA LYS C 241 -20.05 12.75 -6.10
C LYS C 241 -20.17 13.43 -7.46
N ALA C 242 -21.40 13.72 -7.85
CA ALA C 242 -21.65 14.40 -9.12
C ALA C 242 -20.95 15.76 -9.13
N TRP C 243 -20.34 16.07 -10.28
CA TRP C 243 -19.69 17.36 -10.51
C TRP C 243 -20.76 18.41 -10.77
N GLN C 244 -20.75 19.47 -9.97
CA GLN C 244 -21.66 20.59 -10.14
C GLN C 244 -20.95 21.78 -10.76
N GLY C 245 -19.91 21.53 -11.57
CA GLY C 245 -19.06 22.57 -12.11
C GLY C 245 -19.60 23.15 -13.40
N PRO C 246 -18.87 24.16 -13.91
CA PRO C 246 -19.46 25.10 -14.89
C PRO C 246 -19.39 24.68 -16.37
N THR C 247 -18.30 24.04 -16.78
CA THR C 247 -18.01 23.84 -18.19
C THR C 247 -19.14 23.12 -18.95
N ASP C 248 -19.34 23.53 -20.21
CA ASP C 248 -20.40 22.99 -21.07
C ASP C 248 -19.91 21.66 -21.66
N ASN C 249 -20.07 20.60 -20.85
CA ASN C 249 -19.69 19.23 -21.23
C ASN C 249 -18.19 19.10 -21.53
N PHE C 250 -17.35 19.73 -20.69
CA PHE C 250 -15.88 19.54 -20.64
C PHE C 250 -15.22 19.58 -22.01
N THR C 251 -15.34 20.72 -22.70
CA THR C 251 -14.73 20.79 -24.02
C THR C 251 -13.24 21.15 -23.92
N SER C 252 -12.58 21.27 -25.09
CA SER C 252 -11.18 21.68 -25.17
C SER C 252 -11.09 23.19 -25.39
N SER C 253 -11.41 23.92 -24.31
CA SER C 253 -11.34 25.37 -24.25
C SER C 253 -10.76 25.71 -22.90
N VAL C 254 -10.13 26.86 -22.80
CA VAL C 254 -9.51 27.30 -21.56
C VAL C 254 -10.45 28.27 -20.85
N VAL C 255 -10.77 27.98 -19.59
CA VAL C 255 -11.67 28.87 -18.85
C VAL C 255 -11.00 29.28 -17.55
N GLN C 256 -11.34 30.50 -17.10
CA GLN C 256 -10.75 31.09 -15.91
C GLN C 256 -11.80 31.06 -14.80
N HIS C 257 -11.39 30.65 -13.60
CA HIS C 257 -12.30 30.74 -12.46
C HIS C 257 -11.56 31.04 -11.17
N ASP C 258 -12.36 31.37 -10.14
CA ASP C 258 -11.85 31.61 -8.79
C ASP C 258 -11.72 30.28 -8.08
N ASP C 259 -10.49 29.88 -7.81
CA ASP C 259 -10.19 28.50 -7.42
C ASP C 259 -9.94 28.42 -5.92
N ALA C 260 -10.70 27.55 -5.25
CA ALA C 260 -10.61 27.46 -3.79
C ALA C 260 -9.30 26.81 -3.35
N ILE C 261 -8.92 25.72 -4.01
CA ILE C 261 -7.69 24.99 -3.67
C ILE C 261 -6.48 25.91 -3.78
N LEU C 262 -6.36 26.60 -4.90
CA LEU C 262 -5.21 27.43 -5.16
C LEU C 262 -5.33 28.81 -4.56
N GLY C 263 -6.56 29.26 -4.31
CA GLY C 263 -6.75 30.54 -3.66
C GLY C 263 -6.53 31.72 -4.57
N GLU C 264 -6.70 31.55 -5.87
CA GLU C 264 -6.47 32.62 -6.82
C GLU C 264 -7.10 32.24 -8.13
N GLN C 265 -7.01 33.15 -9.10
CA GLN C 265 -7.59 32.90 -10.41
C GLN C 265 -6.80 31.74 -11.04
N ALA C 266 -7.51 30.83 -11.70
CA ALA C 266 -6.87 29.68 -12.34
C ALA C 266 -7.45 29.43 -13.73
N LEU C 267 -6.65 28.76 -14.57
CA LEU C 267 -7.09 28.35 -15.89
C LEU C 267 -7.35 26.85 -15.87
N VAL C 268 -8.46 26.44 -16.49
CA VAL C 268 -8.90 25.05 -16.47
C VAL C 268 -9.11 24.60 -17.90
N THR C 269 -8.66 23.38 -18.21
CA THR C 269 -8.87 22.82 -19.54
C THR C 269 -8.96 21.31 -19.40
N TRP C 270 -9.78 20.69 -20.25
CA TRP C 270 -10.17 19.30 -20.12
C TRP C 270 -9.76 18.55 -21.37
N GLN C 271 -9.31 17.31 -21.20
CA GLN C 271 -9.00 16.43 -22.33
C GLN C 271 -9.62 15.06 -22.08
N PRO C 272 -10.12 14.39 -23.11
CA PRO C 272 -10.76 13.09 -22.89
C PRO C 272 -9.76 11.97 -22.66
N VAL C 273 -10.24 10.93 -21.98
CA VAL C 273 -9.48 9.70 -21.71
C VAL C 273 -10.36 8.57 -22.17
N THR C 274 -9.86 7.69 -23.06
CA THR C 274 -10.68 6.62 -23.58
C THR C 274 -9.89 5.31 -23.59
N ILE C 275 -10.60 4.18 -23.44
CA ILE C 275 -9.95 2.89 -23.49
C ILE C 275 -10.48 2.08 -24.67
N GLY C 276 -9.58 1.27 -25.23
CA GLY C 276 -9.93 0.28 -26.25
C GLY C 276 -10.84 0.81 -27.34
N ASN C 277 -11.95 0.12 -27.60
CA ASN C 277 -12.89 0.56 -28.64
C ASN C 277 -14.10 1.31 -28.07
N SER C 278 -13.99 1.77 -26.83
CA SER C 278 -15.09 2.53 -26.22
C SER C 278 -15.34 3.81 -26.98
N THR C 279 -16.62 4.10 -27.18
CA THR C 279 -17.09 5.41 -27.62
C THR C 279 -17.24 6.39 -26.46
N GLU C 280 -17.26 5.93 -25.21
CA GLU C 280 -17.46 6.83 -24.10
C GLU C 280 -16.10 7.25 -23.55
N LYS C 281 -16.07 8.32 -22.76
CA LYS C 281 -14.78 8.82 -22.28
C LYS C 281 -14.90 9.29 -20.84
N TRP C 282 -13.76 9.29 -20.14
CA TRP C 282 -13.54 10.06 -18.92
C TRP C 282 -12.84 11.38 -19.29
N TYR C 283 -12.73 12.29 -18.32
CA TYR C 283 -12.27 13.65 -18.55
C TYR C 283 -11.22 14.01 -17.53
N LEU C 284 -10.02 14.31 -18.01
CA LEU C 284 -8.92 14.79 -17.20
C LEU C 284 -8.89 16.32 -17.31
N GLY C 285 -8.87 17.01 -16.18
CA GLY C 285 -8.78 18.45 -16.12
C GLY C 285 -7.48 18.85 -15.46
N ILE C 286 -6.84 19.90 -15.98
CA ILE C 286 -5.69 20.48 -15.30
C ILE C 286 -6.10 21.89 -14.88
N VAL C 287 -5.60 22.30 -13.73
CA VAL C 287 -5.92 23.62 -13.14
C VAL C 287 -4.61 24.30 -12.82
N VAL C 288 -4.38 25.47 -13.39
CA VAL C 288 -3.11 26.16 -13.21
C VAL C 288 -3.34 27.63 -12.85
N PRO C 289 -2.54 28.20 -11.95
CA PRO C 289 -2.76 29.59 -11.52
C PRO C 289 -2.47 30.60 -12.63
N VAL C 290 -3.45 31.47 -12.91
CA VAL C 290 -3.25 32.51 -13.92
C VAL C 290 -1.92 33.21 -13.70
N SER C 291 -1.63 33.55 -12.45
CA SER C 291 -0.45 34.33 -12.12
C SER C 291 0.82 33.70 -12.69
N GLN C 292 0.97 32.39 -12.52
CA GLN C 292 2.19 31.75 -12.99
C GLN C 292 2.20 31.58 -14.50
N VAL C 293 1.02 31.54 -15.12
CA VAL C 293 0.99 31.50 -16.58
C VAL C 293 1.33 32.87 -17.16
N MET C 294 0.80 33.93 -16.55
CA MET C 294 1.12 35.29 -17.00
C MET C 294 2.61 35.58 -16.86
N ALA C 295 3.17 35.24 -15.69
CA ALA C 295 4.60 35.45 -15.50
C ALA C 295 5.40 34.85 -16.64
N ALA C 296 5.10 33.59 -16.99
CA ALA C 296 5.84 32.92 -18.06
C ALA C 296 5.62 33.62 -19.40
N SER C 297 4.39 34.04 -19.68
CA SER C 297 4.05 34.65 -20.96
C SER C 297 4.86 35.91 -21.20
N GLU C 298 4.62 36.94 -20.38
CA GLU C 298 5.42 38.16 -20.46
C GLU C 298 6.89 37.84 -20.66
N ARG C 299 7.48 37.09 -19.72
CA ARG C 299 8.88 36.72 -19.85
C ARG C 299 9.03 35.57 -20.86
N SER D 30 11.19 31.11 -25.40
CA SER D 30 11.26 29.96 -24.51
C SER D 30 9.87 29.36 -24.30
N LEU D 31 8.84 30.19 -24.39
CA LEU D 31 7.49 29.65 -24.31
C LEU D 31 7.21 28.72 -25.49
N ALA D 32 7.63 29.11 -26.69
CA ALA D 32 7.48 28.23 -27.85
C ALA D 32 8.30 26.96 -27.66
N GLU D 33 9.46 27.08 -27.03
CA GLU D 33 10.31 25.90 -26.84
C GLU D 33 9.66 24.90 -25.90
N ARG D 34 9.11 25.37 -24.78
CA ARG D 34 8.42 24.44 -23.88
C ARG D 34 7.21 23.82 -24.58
N TYR D 35 6.53 24.61 -25.40
CA TYR D 35 5.39 24.11 -26.17
C TYR D 35 5.82 23.03 -27.14
N LEU D 36 6.89 23.28 -27.89
CA LEU D 36 7.40 22.26 -28.80
C LEU D 36 7.75 20.98 -28.05
N GLN D 37 8.37 21.11 -26.88
CA GLN D 37 8.76 19.94 -26.11
C GLN D 37 7.52 19.17 -25.67
N GLN D 38 6.45 19.90 -25.35
CA GLN D 38 5.20 19.26 -24.94
C GLN D 38 4.51 18.56 -26.11
N ILE D 39 4.58 19.14 -27.32
CA ILE D 39 4.12 18.44 -28.51
C ILE D 39 4.82 17.09 -28.64
N ALA D 40 6.14 17.13 -28.62
CA ALA D 40 6.92 15.91 -28.76
C ALA D 40 6.53 14.90 -27.69
N GLN D 41 6.30 15.39 -26.49
CA GLN D 41 5.89 14.51 -25.41
C GLN D 41 4.55 13.83 -25.71
N SER D 42 3.58 14.59 -26.22
CA SER D 42 2.28 13.96 -26.51
C SER D 42 2.41 12.95 -27.65
N GLU D 43 3.14 13.32 -28.71
CA GLU D 43 3.31 12.38 -29.83
C GLU D 43 4.08 11.14 -29.42
N ALA D 44 5.11 11.27 -28.59
CA ALA D 44 5.82 10.09 -28.13
C ALA D 44 4.92 9.18 -27.31
N LEU D 45 4.04 9.76 -26.48
CA LEU D 45 3.14 8.95 -25.67
C LEU D 45 2.16 8.19 -26.54
N ARG D 46 1.73 8.80 -27.65
CA ARG D 46 0.80 8.10 -28.56
C ARG D 46 1.47 6.90 -29.20
N ILE D 47 2.71 7.07 -29.69
CA ILE D 47 3.47 5.96 -30.27
CA ILE D 47 3.42 5.94 -30.28
C ILE D 47 3.74 4.91 -29.21
N GLN D 48 4.07 5.36 -28.00
CA GLN D 48 4.29 4.45 -26.88
C GLN D 48 3.04 3.67 -26.53
N GLN D 49 1.86 4.27 -26.62
CA GLN D 49 0.64 3.51 -26.46
C GLN D 49 0.58 2.30 -27.43
N GLU D 50 0.89 2.51 -28.73
CA GLU D 50 0.81 1.45 -29.73
C GLU D 50 1.80 0.32 -29.45
N LEU D 51 3.03 0.68 -29.08
CA LEU D 51 4.05 -0.30 -28.82
C LEU D 51 3.78 -1.01 -27.51
N ASN D 52 3.24 -0.29 -26.52
CA ASN D 52 2.89 -0.99 -25.30
C ASN D 52 1.73 -1.92 -25.51
N TYR D 53 0.82 -1.59 -26.40
CA TYR D 53 -0.25 -2.55 -26.66
C TYR D 53 0.30 -3.85 -27.21
N ALA D 54 1.31 -3.75 -28.08
CA ALA D 54 1.93 -4.96 -28.62
C ALA D 54 2.64 -5.72 -27.51
N ARG D 55 3.28 -4.99 -26.59
CA ARG D 55 3.91 -5.64 -25.44
C ARG D 55 2.87 -6.34 -24.57
N ASP D 56 1.68 -5.73 -24.40
CA ASP D 56 0.62 -6.32 -23.58
C ASP D 56 0.08 -7.62 -24.21
N VAL D 57 -0.13 -7.64 -25.53
CA VAL D 57 -0.54 -8.87 -26.20
C VAL D 57 0.42 -10.00 -25.86
N ALA D 58 1.73 -9.76 -26.03
CA ALA D 58 2.72 -10.79 -25.80
C ALA D 58 2.84 -11.15 -24.33
N HIS D 59 2.91 -10.14 -23.45
CA HIS D 59 3.06 -10.37 -22.02
C HIS D 59 1.87 -11.13 -21.45
N ASN D 60 0.64 -10.67 -21.76
CA ASN D 60 -0.53 -11.29 -21.19
C ASN D 60 -0.78 -12.70 -21.78
N LEU D 61 -0.45 -12.92 -23.05
CA LEU D 61 -0.52 -14.28 -23.58
C LEU D 61 0.40 -15.20 -22.79
N GLY D 62 1.61 -14.72 -22.50
CA GLY D 62 2.60 -15.55 -21.85
C GLY D 62 2.23 -15.90 -20.43
N GLN D 63 1.57 -14.97 -19.70
CA GLN D 63 1.06 -15.30 -18.38
C GLN D 63 -0.02 -16.37 -18.46
N GLY D 64 -0.90 -16.28 -19.47
CA GLY D 64 -1.91 -17.32 -19.65
C GLY D 64 -1.30 -18.66 -20.03
N LEU D 65 -0.24 -18.64 -20.85
CA LEU D 65 0.48 -19.86 -21.18
C LEU D 65 1.08 -20.50 -19.94
N ALA D 66 1.69 -19.68 -19.05
CA ALA D 66 2.31 -20.23 -17.85
C ALA D 66 1.28 -20.83 -16.90
N ALA D 67 0.02 -20.41 -17.00
CA ALA D 67 -1.00 -21.00 -16.16
C ALA D 67 -1.33 -22.44 -16.56
N LEU D 68 -1.19 -22.78 -17.85
CA LEU D 68 -1.69 -24.08 -18.34
C LEU D 68 -1.08 -25.25 -17.59
N PRO D 69 0.24 -25.42 -17.50
CA PRO D 69 0.77 -26.55 -16.70
C PRO D 69 0.17 -26.62 -15.32
N SER D 70 0.00 -25.46 -14.69
CA SER D 70 -0.58 -25.46 -13.37
C SER D 70 -2.00 -26.00 -13.37
N ALA D 71 -2.70 -25.87 -14.50
CA ALA D 71 -4.05 -26.40 -14.62
C ALA D 71 -4.05 -27.82 -15.18
N GLY D 72 -2.90 -28.46 -15.29
CA GLY D 72 -2.79 -29.80 -15.83
C GLY D 72 -2.81 -29.86 -17.33
N ILE D 73 -2.82 -28.72 -18.01
CA ILE D 73 -2.82 -28.67 -19.48
C ILE D 73 -1.38 -28.68 -20.00
N LYS D 74 -1.05 -29.72 -20.73
CA LYS D 74 0.31 -29.98 -21.18
C LYS D 74 0.34 -30.28 -22.67
N ASP D 75 -0.69 -29.86 -23.42
CA ASP D 75 -0.86 -30.23 -24.83
C ASP D 75 -0.40 -29.05 -25.66
N ARG D 76 0.66 -29.24 -26.44
CA ARG D 76 1.22 -28.14 -27.23
C ARG D 76 0.20 -27.56 -28.23
N ALA D 77 -0.80 -28.33 -28.66
CA ALA D 77 -1.80 -27.76 -29.55
C ALA D 77 -2.66 -26.69 -28.86
N VAL D 78 -2.78 -26.73 -27.54
CA VAL D 78 -3.49 -25.64 -26.85
C VAL D 78 -2.71 -24.34 -26.99
N VAL D 79 -1.39 -24.39 -26.85
CA VAL D 79 -0.56 -23.22 -27.08
C VAL D 79 -0.79 -22.69 -28.50
N ASP D 80 -0.72 -23.59 -29.49
CA ASP D 80 -0.95 -23.18 -30.87
C ASP D 80 -2.21 -22.36 -30.97
N LYS D 81 -3.32 -22.89 -30.45
CA LYS D 81 -4.59 -22.23 -30.63
C LYS D 81 -4.61 -20.87 -29.93
N MET D 82 -4.00 -20.77 -28.73
CA MET D 82 -4.00 -19.47 -28.05
C MET D 82 -3.18 -18.44 -28.81
N MET D 83 -2.09 -18.87 -29.45
CA MET D 83 -1.29 -17.96 -30.23
C MET D 83 -2.14 -17.51 -31.41
N GLU D 84 -2.80 -18.46 -32.08
CA GLU D 84 -3.64 -18.10 -33.23
C GLU D 84 -4.70 -17.08 -32.86
N TYR D 85 -5.39 -17.29 -31.73
CA TYR D 85 -6.41 -16.32 -31.32
C TYR D 85 -5.80 -14.94 -31.12
N ALA D 86 -4.58 -14.87 -30.60
CA ALA D 86 -3.93 -13.58 -30.40
C ALA D 86 -3.65 -12.89 -31.74
N LEU D 87 -3.15 -13.64 -32.72
CA LEU D 87 -2.93 -13.05 -34.05
C LEU D 87 -4.23 -12.65 -34.72
N ARG D 88 -5.29 -13.46 -34.55
CA ARG D 88 -6.55 -13.13 -35.21
C ARG D 88 -7.07 -11.80 -34.70
N ASP D 89 -6.83 -11.52 -33.43
CA ASP D 89 -7.33 -10.31 -32.79
C ASP D 89 -6.50 -9.08 -33.15
N ASN D 90 -5.42 -9.28 -33.90
CA ASN D 90 -4.47 -8.22 -34.23
C ASN D 90 -4.11 -8.34 -35.71
N PRO D 91 -5.04 -8.02 -36.61
CA PRO D 91 -4.84 -8.31 -38.04
C PRO D 91 -3.71 -7.53 -38.72
N GLU D 92 -3.18 -6.47 -38.12
CA GLU D 92 -2.05 -5.77 -38.72
CA GLU D 92 -2.05 -5.79 -38.75
C GLU D 92 -0.72 -6.42 -38.39
N TYR D 93 -0.66 -7.22 -37.34
CA TYR D 93 0.56 -7.87 -36.89
C TYR D 93 1.00 -8.91 -37.93
N LEU D 94 2.32 -9.12 -38.01
CA LEU D 94 2.82 -10.10 -38.98
C LEU D 94 2.74 -11.50 -38.39
N SER D 95 3.08 -11.63 -37.12
CA SER D 95 3.10 -12.90 -36.41
C SER D 95 3.15 -12.66 -34.89
N ILE D 96 2.85 -13.73 -34.18
CA ILE D 96 3.12 -13.89 -32.76
C ILE D 96 4.02 -15.10 -32.60
N SER D 97 5.17 -14.91 -31.94
CA SER D 97 6.14 -15.96 -31.69
C SER D 97 6.17 -16.34 -30.21
N VAL D 98 6.25 -17.63 -29.93
CA VAL D 98 6.37 -18.15 -28.58
C VAL D 98 7.57 -19.07 -28.51
N ILE D 99 8.45 -18.82 -27.55
CA ILE D 99 9.59 -19.69 -27.27
C ILE D 99 9.52 -20.07 -25.79
N PHE D 100 9.21 -21.34 -25.51
CA PHE D 100 9.32 -21.79 -24.13
C PHE D 100 10.78 -22.09 -23.80
N GLU D 101 11.11 -22.02 -22.49
CA GLU D 101 12.39 -22.48 -22.01
C GLU D 101 12.47 -24.00 -22.12
N GLU D 102 13.69 -24.51 -22.14
CA GLU D 102 13.87 -25.94 -22.35
C GLU D 102 13.02 -26.76 -21.38
N ASN D 103 12.13 -27.58 -21.94
CA ASN D 103 11.34 -28.60 -21.24
C ASN D 103 10.33 -28.04 -20.23
N VAL D 104 10.16 -26.73 -20.11
CA VAL D 104 9.37 -26.25 -18.97
C VAL D 104 7.89 -26.51 -19.16
N PHE D 105 7.42 -26.60 -20.41
CA PHE D 105 5.98 -26.75 -20.64
C PHE D 105 5.52 -28.18 -20.39
N ASP D 106 6.17 -29.15 -21.06
CA ASP D 106 5.67 -30.51 -21.03
C ASP D 106 6.72 -31.58 -20.78
N GLY D 107 7.98 -31.21 -20.58
CA GLY D 107 9.03 -32.19 -20.38
C GLY D 107 9.31 -33.09 -21.57
N ARG D 108 8.92 -32.67 -22.79
CA ARG D 108 8.90 -33.59 -23.92
C ARG D 108 9.81 -33.14 -25.06
N ASP D 109 10.68 -32.14 -24.83
CA ASP D 109 11.48 -31.59 -25.92
C ASP D 109 12.30 -32.67 -26.62
N ALA D 110 12.67 -33.72 -25.90
CA ALA D 110 13.47 -34.76 -26.51
C ALA D 110 12.67 -35.53 -27.56
N GLU D 111 11.38 -35.75 -27.31
CA GLU D 111 10.58 -36.49 -28.26
C GLU D 111 10.40 -35.71 -29.56
N PHE D 112 10.61 -34.40 -29.53
CA PHE D 112 10.52 -33.59 -30.73
C PHE D 112 11.90 -33.27 -31.31
N ALA D 113 12.96 -33.75 -30.67
CA ALA D 113 14.26 -33.09 -30.77
C ALA D 113 14.74 -33.00 -32.22
N ASP D 114 14.86 -34.13 -32.91
CA ASP D 114 15.48 -34.14 -34.23
C ASP D 114 14.53 -34.60 -35.32
N GLN D 115 13.45 -33.86 -35.51
CA GLN D 115 12.39 -34.24 -36.40
CA GLN D 115 12.38 -34.25 -36.39
C GLN D 115 12.23 -33.21 -37.49
N PRO D 116 12.04 -33.62 -38.74
CA PRO D 116 11.69 -32.65 -39.78
C PRO D 116 10.47 -31.86 -39.36
N GLY D 117 10.53 -30.55 -39.54
CA GLY D 117 9.40 -29.70 -39.23
C GLY D 117 9.34 -29.23 -37.80
N GLN D 118 10.31 -29.59 -36.96
CA GLN D 118 10.34 -29.13 -35.57
C GLN D 118 11.40 -28.04 -35.45
N ALA D 119 11.44 -27.43 -34.30
CA ALA D 119 12.42 -26.42 -33.97
C ALA D 119 13.68 -27.09 -33.42
N PRO D 120 14.82 -26.40 -33.47
CA PRO D 120 16.05 -26.97 -32.91
C PRO D 120 15.89 -27.48 -31.48
N LYS D 121 16.31 -28.73 -31.27
CA LYS D 121 16.28 -29.43 -29.99
C LYS D 121 14.87 -29.82 -29.52
N GLY D 122 13.86 -29.69 -30.36
CA GLY D 122 12.53 -30.08 -29.94
C GLY D 122 11.83 -29.07 -29.03
N ARG D 123 12.44 -27.92 -28.80
CA ARG D 123 11.82 -26.87 -27.98
C ARG D 123 10.45 -26.48 -28.50
N TYR D 124 9.56 -26.06 -27.59
CA TYR D 124 8.37 -25.39 -28.07
C TYR D 124 8.82 -23.99 -28.51
N ALA D 125 9.04 -23.82 -29.82
CA ALA D 125 9.51 -22.56 -30.43
C ALA D 125 8.83 -22.41 -31.79
N TRP D 126 7.72 -21.66 -31.79
CA TRP D 126 6.85 -21.56 -32.96
C TRP D 126 6.42 -20.13 -33.16
N PHE D 127 6.01 -19.82 -34.38
CA PHE D 127 5.28 -18.60 -34.63
C PHE D 127 4.08 -18.96 -35.49
N VAL D 128 3.06 -18.12 -35.36
CA VAL D 128 1.89 -18.20 -36.23
C VAL D 128 1.90 -16.95 -37.10
N ASP D 129 1.60 -17.14 -38.38
CA ASP D 129 1.45 -16.04 -39.32
C ASP D 129 0.25 -16.33 -40.19
N ARG D 130 -0.02 -15.43 -41.13
CA ARG D 130 -1.06 -15.64 -42.13
C ARG D 130 -0.44 -15.89 -43.49
N ASP D 131 -1.02 -16.78 -44.26
CA ASP D 131 -0.50 -17.08 -45.58
C ASP D 131 -1.11 -16.08 -46.57
N GLN D 132 -0.85 -16.26 -47.86
CA GLN D 132 -1.33 -15.29 -48.84
C GLN D 132 -2.85 -15.21 -48.87
N ALA D 133 -3.55 -16.31 -48.56
CA ALA D 133 -5.01 -16.29 -48.54
C ALA D 133 -5.57 -15.73 -47.25
N GLY D 134 -4.72 -15.45 -46.25
CA GLY D 134 -5.16 -14.97 -44.97
C GLY D 134 -5.46 -16.03 -43.93
N ASN D 135 -5.24 -17.30 -44.23
CA ASN D 135 -5.43 -18.35 -43.24
C ASN D 135 -4.17 -18.53 -42.41
N TYR D 136 -4.37 -19.07 -41.20
CA TYR D 136 -3.38 -19.10 -40.15
C TYR D 136 -2.55 -20.36 -40.26
N ALA D 137 -1.26 -20.23 -39.95
CA ALA D 137 -0.33 -21.34 -40.08
C ALA D 137 0.75 -21.24 -39.05
N MET D 138 1.10 -22.39 -38.45
CA MET D 138 2.21 -22.50 -37.50
C MET D 138 3.51 -22.81 -38.24
N HIS D 139 4.63 -22.22 -37.80
CA HIS D 139 5.93 -22.55 -38.35
C HIS D 139 6.98 -22.61 -37.25
N PRO D 140 7.92 -23.55 -37.33
CA PRO D 140 9.00 -23.60 -36.32
C PRO D 140 9.91 -22.38 -36.39
N LEU D 141 10.41 -21.94 -35.24
CA LEU D 141 11.36 -20.84 -35.16
C LEU D 141 12.74 -21.44 -35.34
N LEU D 142 13.15 -21.55 -36.60
CA LEU D 142 14.42 -22.21 -36.89
C LEU D 142 15.58 -21.37 -36.41
N SER D 143 15.38 -20.07 -36.31
CA SER D 143 16.48 -19.17 -35.99
C SER D 143 16.65 -18.92 -34.49
N TYR D 144 15.82 -19.51 -33.62
CA TYR D 144 15.72 -18.98 -32.25
C TYR D 144 17.02 -19.10 -31.47
N LEU D 145 17.91 -20.05 -31.82
CA LEU D 145 19.17 -20.20 -31.11
C LEU D 145 20.33 -19.52 -31.82
N THR D 146 20.10 -18.77 -32.89
CA THR D 146 21.28 -18.26 -33.55
C THR D 146 21.44 -16.75 -33.36
N PRO D 147 22.63 -16.31 -32.95
CA PRO D 147 22.78 -14.89 -32.60
C PRO D 147 22.58 -14.01 -33.82
N GLY D 148 21.97 -12.85 -33.60
CA GLY D 148 21.65 -11.93 -34.67
C GLY D 148 20.22 -12.13 -35.13
N GLN D 149 20.03 -13.04 -36.09
CA GLN D 149 18.67 -13.39 -36.49
C GLN D 149 17.78 -13.82 -35.31
N GLY D 150 18.34 -14.51 -34.32
CA GLY D 150 17.55 -15.03 -33.23
C GLY D 150 17.42 -14.12 -32.02
N ASP D 151 17.81 -12.85 -32.20
CA ASP D 151 17.86 -11.94 -31.05
C ASP D 151 16.50 -11.72 -30.41
N TYR D 152 15.40 -11.81 -31.18
CA TYR D 152 14.05 -11.73 -30.59
C TYR D 152 13.90 -12.64 -29.39
N TYR D 153 14.62 -13.74 -29.35
CA TYR D 153 14.61 -14.62 -28.19
C TYR D 153 15.85 -14.46 -27.34
N LEU D 154 17.02 -14.48 -27.95
CA LEU D 154 18.27 -14.58 -27.19
C LEU D 154 18.46 -13.37 -26.27
N LEU D 155 18.09 -12.18 -26.72
CA LEU D 155 18.40 -11.06 -25.85
C LEU D 155 17.45 -10.95 -24.66
N PRO D 156 16.13 -10.93 -24.85
CA PRO D 156 15.27 -10.83 -23.65
C PRO D 156 15.35 -12.08 -22.80
N GLN D 157 15.81 -13.21 -23.34
CA GLN D 157 15.96 -14.39 -22.49
C GLN D 157 17.03 -14.11 -21.42
N LYS D 158 18.09 -13.39 -21.79
CA LYS D 158 19.23 -13.17 -20.92
C LYS D 158 18.88 -12.05 -19.95
N SER D 159 18.30 -10.99 -20.47
CA SER D 159 18.05 -9.80 -19.65
C SER D 159 16.76 -9.91 -18.84
N GLN D 160 15.87 -10.76 -19.28
CA GLN D 160 14.53 -10.99 -18.77
C GLN D 160 13.73 -9.69 -18.71
N LYS D 161 14.01 -8.74 -19.59
CA LYS D 161 13.28 -7.48 -19.68
C LYS D 161 12.55 -7.39 -21.02
N ASP D 162 11.36 -6.78 -21.00
CA ASP D 162 10.68 -6.38 -22.23
C ASP D 162 11.64 -5.61 -23.14
N THR D 163 11.62 -5.91 -24.45
CA THR D 163 12.60 -5.29 -25.34
C THR D 163 12.00 -4.99 -26.71
N LEU D 164 12.25 -3.77 -27.18
CA LEU D 164 12.02 -3.41 -28.58
C LEU D 164 13.26 -3.83 -29.38
N ILE D 165 13.14 -4.91 -30.15
CA ILE D 165 14.27 -5.50 -30.86
C ILE D 165 14.68 -4.64 -32.06
N GLU D 166 15.99 -4.48 -32.24
CA GLU D 166 16.52 -3.73 -33.38
C GLU D 166 15.94 -4.24 -34.69
N PRO D 167 15.64 -3.35 -35.64
CA PRO D 167 14.96 -3.75 -36.87
C PRO D 167 15.76 -4.81 -37.61
N TYR D 168 15.04 -5.82 -38.11
CA TYR D 168 15.64 -6.89 -38.87
C TYR D 168 14.69 -7.36 -39.97
N THR D 169 15.12 -8.39 -40.70
CA THR D 169 14.39 -8.93 -41.85
C THR D 169 14.07 -10.42 -41.66
N TYR D 170 12.86 -10.80 -42.09
CA TYR D 170 12.40 -12.19 -42.15
C TYR D 170 11.51 -12.31 -43.38
N ALA D 171 11.65 -13.41 -44.11
CA ALA D 171 10.94 -13.64 -45.37
C ALA D 171 9.64 -14.37 -45.06
N TYR D 172 8.56 -13.61 -44.91
CA TYR D 172 7.24 -14.17 -44.67
C TYR D 172 6.61 -14.55 -45.99
N ASN D 173 6.17 -15.81 -46.12
CA ASN D 173 5.65 -16.30 -47.40
C ASN D 173 6.62 -16.02 -48.54
N GLY D 174 7.90 -16.03 -48.23
CA GLY D 174 8.92 -15.89 -49.26
C GLY D 174 9.27 -14.47 -49.61
N VAL D 175 8.75 -13.49 -48.88
CA VAL D 175 9.00 -12.08 -49.18
C VAL D 175 9.79 -11.44 -48.05
N PRO D 176 11.05 -11.08 -48.28
CA PRO D 176 11.81 -10.33 -47.26
C PRO D 176 11.05 -9.11 -46.75
N THR D 177 10.91 -9.01 -45.44
CA THR D 177 10.10 -7.98 -44.77
C THR D 177 10.88 -7.40 -43.62
N LEU D 178 10.94 -6.07 -43.56
CA LEU D 178 11.58 -5.37 -42.47
C LEU D 178 10.60 -5.31 -41.31
N LEU D 179 11.02 -5.77 -40.14
CA LEU D 179 10.13 -5.74 -38.96
C LEU D 179 10.89 -5.38 -37.70
N THR D 180 10.14 -5.21 -36.62
CA THR D 180 10.63 -5.30 -35.25
C THR D 180 9.82 -6.35 -34.51
N SER D 181 10.41 -6.91 -33.46
CA SER D 181 9.67 -7.72 -32.51
C SER D 181 9.55 -6.99 -31.16
N VAL D 182 8.34 -6.99 -30.62
CA VAL D 182 8.09 -6.44 -29.30
C VAL D 182 8.11 -7.65 -28.36
N ALA D 183 9.21 -7.82 -27.67
CA ALA D 183 9.47 -9.07 -26.96
C ALA D 183 9.18 -8.94 -25.47
N ALA D 184 8.49 -9.94 -24.94
CA ALA D 184 8.06 -9.96 -23.52
C ALA D 184 8.46 -11.29 -22.89
N PRO D 185 9.47 -11.29 -22.03
CA PRO D 185 9.78 -12.51 -21.27
C PRO D 185 8.60 -12.93 -20.39
N ILE D 186 8.44 -14.23 -20.25
CA ILE D 186 7.40 -14.81 -19.41
C ILE D 186 8.08 -15.12 -18.08
N VAL D 187 7.80 -14.31 -17.07
CA VAL D 187 8.27 -14.53 -15.71
C VAL D 187 7.02 -14.68 -14.86
N SER D 188 6.90 -15.82 -14.15
CA SER D 188 5.82 -15.93 -13.19
C SER D 188 6.30 -16.67 -11.96
N GLN D 189 5.97 -16.12 -10.80
CA GLN D 189 6.39 -16.64 -9.50
C GLN D 189 7.90 -16.88 -9.47
N GLY D 190 8.67 -15.92 -9.99
CA GLY D 190 10.12 -15.97 -9.93
C GLY D 190 10.79 -16.80 -11.00
N LYS D 191 10.03 -17.52 -11.81
CA LYS D 191 10.55 -18.44 -12.82
C LYS D 191 10.46 -17.87 -14.22
N LEU D 192 11.56 -17.99 -14.97
CA LEU D 192 11.52 -17.64 -16.39
C LEU D 192 10.94 -18.81 -17.18
N TRP D 193 9.82 -18.57 -17.88
CA TRP D 193 9.15 -19.58 -18.69
C TRP D 193 9.50 -19.51 -20.18
N GLY D 194 10.03 -18.40 -20.65
CA GLY D 194 10.32 -18.22 -22.08
C GLY D 194 10.13 -16.77 -22.49
N VAL D 195 9.76 -16.59 -23.76
CA VAL D 195 9.60 -15.28 -24.37
C VAL D 195 8.44 -15.38 -25.36
N VAL D 196 7.64 -14.32 -25.41
CA VAL D 196 6.58 -14.14 -26.43
C VAL D 196 6.91 -12.85 -27.17
N THR D 197 6.75 -12.84 -28.47
CA THR D 197 6.95 -11.61 -29.24
C THR D 197 5.73 -11.31 -30.08
N SER D 198 5.43 -10.02 -30.19
CA SER D 198 4.53 -9.49 -31.21
C SER D 198 5.40 -8.91 -32.31
N ASP D 199 5.28 -9.47 -33.52
CA ASP D 199 6.11 -9.08 -34.67
C ASP D 199 5.37 -8.06 -35.53
N ILE D 200 5.96 -6.86 -35.63
CA ILE D 200 5.35 -5.69 -36.25
CA ILE D 200 5.34 -5.70 -36.26
C ILE D 200 6.19 -5.25 -37.43
N SER D 201 5.55 -5.02 -38.58
CA SER D 201 6.28 -4.52 -39.74
C SER D 201 6.71 -3.07 -39.54
N LEU D 202 7.87 -2.75 -40.09
CA LEU D 202 8.32 -1.35 -40.05
C LEU D 202 7.36 -0.46 -40.87
N ALA D 203 6.78 -1.02 -41.94
CA ALA D 203 5.79 -0.27 -42.72
C ALA D 203 4.61 0.19 -41.86
N SER D 204 4.09 -0.67 -40.98
CA SER D 204 2.94 -0.30 -40.17
C SER D 204 3.29 0.80 -39.19
N LEU D 205 4.50 0.76 -38.63
CA LEU D 205 4.93 1.86 -37.77
C LEU D 205 5.11 3.14 -38.57
N GLN D 206 5.70 3.05 -39.77
CA GLN D 206 5.97 4.26 -40.53
C GLN D 206 4.67 4.94 -40.92
N GLN D 207 3.64 4.15 -41.23
CA GLN D 207 2.35 4.73 -41.58
C GLN D 207 1.85 5.63 -40.45
N LYS D 208 2.07 5.21 -39.20
CA LYS D 208 1.60 5.99 -38.06
C LYS D 208 2.46 7.24 -37.88
N ILE D 209 3.78 7.06 -37.84
CA ILE D 209 4.70 8.18 -37.65
C ILE D 209 4.52 9.23 -38.75
N ASN D 210 4.32 8.81 -40.00
CA ASN D 210 4.24 9.77 -41.10
C ASN D 210 2.90 10.50 -41.13
N GLN D 211 1.89 10.03 -40.38
CA GLN D 211 0.66 10.80 -40.21
C GLN D 211 0.82 11.97 -39.25
N ILE D 212 1.91 12.01 -38.49
CA ILE D 212 2.11 13.04 -37.48
C ILE D 212 2.52 14.34 -38.16
N LYS D 213 1.83 15.43 -37.84
CA LYS D 213 2.16 16.78 -38.31
C LYS D 213 2.19 17.69 -37.10
N PRO D 214 3.38 17.92 -36.51
CA PRO D 214 3.42 18.54 -35.18
C PRO D 214 3.09 20.03 -35.15
N TRP D 215 3.19 20.76 -36.26
CA TRP D 215 3.11 22.23 -36.20
C TRP D 215 2.20 22.76 -37.30
N GLU D 216 0.93 22.97 -36.97
CA GLU D 216 -0.01 23.64 -37.86
C GLU D 216 -0.14 22.90 -39.19
N GLY D 217 -0.23 21.58 -39.13
CA GLY D 217 -0.30 20.76 -40.32
C GLY D 217 1.03 20.47 -40.96
N GLY D 218 2.10 21.14 -40.53
CA GLY D 218 3.42 20.95 -41.08
C GLY D 218 4.38 20.28 -40.13
N GLY D 219 5.65 20.29 -40.54
CA GLY D 219 6.67 19.53 -39.85
C GLY D 219 6.45 18.05 -40.03
N TYR D 220 7.33 17.28 -39.38
CA TYR D 220 7.26 15.84 -39.45
C TYR D 220 7.86 15.25 -38.18
N ALA D 221 7.69 13.93 -38.03
CA ALA D 221 8.26 13.18 -36.93
C ALA D 221 9.10 12.04 -37.46
N MET D 222 10.06 11.62 -36.64
CA MET D 222 11.01 10.57 -36.98
C MET D 222 11.05 9.61 -35.81
N LEU D 223 11.43 8.36 -36.07
CA LEU D 223 11.56 7.40 -34.96
C LEU D 223 12.83 6.60 -35.15
N LEU D 224 13.66 6.58 -34.11
CA LEU D 224 14.96 5.92 -34.15
C LEU D 224 15.02 4.81 -33.10
N SER D 225 15.78 3.75 -33.40
CA SER D 225 15.85 2.63 -32.48
C SER D 225 16.84 2.92 -31.35
N SER D 226 17.03 1.94 -30.47
CA SER D 226 17.90 2.13 -29.32
C SER D 226 19.34 2.35 -29.74
N ALA D 227 19.74 1.79 -30.88
CA ALA D 227 21.10 1.94 -31.38
C ALA D 227 21.20 2.99 -32.48
N GLY D 228 20.20 3.85 -32.61
CA GLY D 228 20.23 4.89 -33.62
C GLY D 228 19.88 4.44 -35.04
N LYS D 229 19.29 3.26 -35.22
CA LYS D 229 18.82 2.81 -36.52
C LYS D 229 17.50 3.51 -36.85
N VAL D 230 17.29 3.80 -38.13
CA VAL D 230 16.07 4.49 -38.56
C VAL D 230 14.92 3.51 -38.54
N ILE D 231 13.92 3.79 -37.72
CA ILE D 231 12.65 3.09 -37.79
C ILE D 231 11.72 3.79 -38.77
N SER D 232 11.61 5.12 -38.67
CA SER D 232 10.77 5.86 -39.59
C SER D 232 11.33 7.25 -39.85
N TYR D 233 11.49 7.56 -41.13
CA TYR D 233 11.99 8.83 -41.61
C TYR D 233 11.27 9.10 -42.92
N PRO D 234 10.82 10.32 -43.17
CA PRO D 234 10.03 10.58 -44.39
C PRO D 234 10.70 10.07 -45.67
N ASP D 235 12.03 10.09 -45.74
CA ASP D 235 12.76 9.44 -46.83
C ASP D 235 12.95 7.98 -46.43
N LYS D 236 12.01 7.15 -46.89
CA LYS D 236 11.99 5.73 -46.56
C LYS D 236 13.24 4.97 -46.97
N SER D 237 14.09 5.54 -47.83
CA SER D 237 15.27 4.75 -48.23
C SER D 237 16.19 4.52 -47.04
N GLN D 238 16.07 5.37 -46.01
CA GLN D 238 16.91 5.29 -44.81
C GLN D 238 16.47 4.21 -43.85
N THR D 239 15.32 3.60 -44.10
CA THR D 239 14.75 2.66 -43.15
C THR D 239 15.77 1.59 -42.81
N SER D 240 15.97 1.38 -41.51
CA SER D 240 16.85 0.43 -40.86
C SER D 240 18.33 0.80 -40.96
N LYS D 241 18.67 1.95 -41.51
CA LYS D 241 20.06 2.36 -41.56
CA LYS D 241 20.07 2.36 -41.57
C LYS D 241 20.43 3.21 -40.36
N ALA D 242 21.74 3.23 -40.05
CA ALA D 242 22.30 4.06 -39.01
C ALA D 242 22.07 5.54 -39.28
N TRP D 243 21.67 6.26 -38.25
CA TRP D 243 21.34 7.69 -38.39
C TRP D 243 22.61 8.51 -38.42
N GLN D 244 22.97 9.02 -39.60
CA GLN D 244 24.00 10.06 -39.73
C GLN D 244 23.42 11.34 -39.13
N GLY D 245 23.74 11.60 -37.88
CA GLY D 245 22.86 12.38 -37.04
C GLY D 245 23.38 13.75 -36.66
N PRO D 246 22.47 14.72 -36.64
CA PRO D 246 22.73 15.93 -35.88
C PRO D 246 22.18 15.82 -34.46
N THR D 247 21.98 14.59 -33.95
CA THR D 247 21.35 14.43 -32.64
C THR D 247 22.36 14.66 -31.52
N ASP D 248 21.90 15.28 -30.43
CA ASP D 248 22.76 15.62 -29.29
C ASP D 248 22.60 14.59 -28.17
N ASN D 249 22.88 13.34 -28.50
CA ASN D 249 22.53 12.21 -27.63
C ASN D 249 21.04 12.26 -27.29
N PHE D 250 20.21 12.50 -28.31
CA PHE D 250 18.76 12.47 -28.20
C PHE D 250 18.28 13.36 -27.05
N THR D 251 18.60 14.65 -27.17
CA THR D 251 18.36 15.59 -26.11
C THR D 251 16.93 16.10 -26.20
N SER D 252 16.32 16.33 -25.02
CA SER D 252 15.08 17.08 -24.89
C SER D 252 15.25 18.53 -25.33
N SER D 253 16.46 19.04 -25.32
CA SER D 253 16.69 20.42 -25.69
C SER D 253 16.26 20.67 -27.12
N VAL D 254 15.80 21.90 -27.37
CA VAL D 254 15.43 22.31 -28.72
C VAL D 254 16.66 22.89 -29.40
N VAL D 255 17.02 22.32 -30.55
CA VAL D 255 18.22 22.67 -31.28
C VAL D 255 17.83 22.96 -32.73
N GLN D 256 18.52 23.92 -33.34
CA GLN D 256 18.25 24.33 -34.71
C GLN D 256 19.17 23.60 -35.66
N HIS D 257 18.68 23.31 -36.86
CA HIS D 257 19.40 22.48 -37.81
C HIS D 257 18.96 22.82 -39.22
N ASP D 258 19.94 22.86 -40.12
CA ASP D 258 19.66 22.79 -41.55
C ASP D 258 19.00 21.45 -41.83
N ASP D 259 17.76 21.47 -42.34
CA ASP D 259 16.96 20.26 -42.46
C ASP D 259 16.66 19.92 -43.91
N ALA D 260 17.08 18.71 -44.33
CA ALA D 260 16.97 18.32 -45.74
C ALA D 260 15.51 18.19 -46.18
N ILE D 261 14.65 17.66 -45.31
CA ILE D 261 13.29 17.29 -45.72
C ILE D 261 12.41 18.51 -45.96
N LEU D 262 12.50 19.52 -45.10
CA LEU D 262 11.65 20.69 -45.26
C LEU D 262 12.28 21.78 -46.11
N GLY D 263 13.59 21.70 -46.33
CA GLY D 263 14.26 22.70 -47.13
C GLY D 263 14.32 24.07 -46.50
N GLU D 264 14.48 24.13 -45.18
CA GLU D 264 14.64 25.38 -44.46
C GLU D 264 15.13 25.04 -43.06
N GLN D 265 15.56 26.07 -42.32
CA GLN D 265 16.01 25.87 -40.95
C GLN D 265 14.88 25.27 -40.12
N ALA D 266 15.21 24.30 -39.26
CA ALA D 266 14.18 23.68 -38.44
C ALA D 266 14.62 23.55 -36.99
N LEU D 267 13.63 23.39 -36.13
CA LEU D 267 13.83 23.11 -34.72
C LEU D 267 13.54 21.63 -34.48
N VAL D 268 14.45 20.96 -33.78
CA VAL D 268 14.36 19.53 -33.53
C VAL D 268 14.38 19.31 -32.04
N THR D 269 13.48 18.44 -31.56
CA THR D 269 13.49 18.02 -30.18
C THR D 269 13.13 16.54 -30.14
N TRP D 270 13.77 15.83 -29.20
CA TRP D 270 13.65 14.39 -29.05
C TRP D 270 12.95 14.06 -27.73
N GLN D 271 12.23 12.94 -27.73
CA GLN D 271 11.59 12.38 -26.54
C GLN D 271 11.68 10.86 -26.54
N PRO D 272 11.97 10.25 -25.40
CA PRO D 272 12.13 8.79 -25.37
C PRO D 272 10.78 8.09 -25.52
N VAL D 273 10.82 6.87 -26.05
CA VAL D 273 9.65 5.99 -26.13
C VAL D 273 10.07 4.69 -25.47
N THR D 274 9.29 4.18 -24.50
CA THR D 274 9.69 2.95 -23.83
C THR D 274 8.51 2.03 -23.56
N ILE D 275 8.76 0.71 -23.59
CA ILE D 275 7.73 -0.29 -23.35
C ILE D 275 7.99 -0.98 -22.02
N GLY D 276 6.87 -1.36 -21.35
CA GLY D 276 6.93 -2.22 -20.18
C GLY D 276 8.02 -1.94 -19.17
N ASN D 277 8.72 -2.99 -18.75
CA ASN D 277 9.81 -2.86 -17.80
C ASN D 277 11.17 -2.73 -18.47
N SER D 278 11.20 -2.32 -19.73
CA SER D 278 12.47 -2.21 -20.44
C SER D 278 13.33 -1.08 -19.88
N THR D 279 14.63 -1.36 -19.85
CA THR D 279 15.67 -0.40 -19.53
C THR D 279 16.12 0.44 -20.72
N GLU D 280 15.84 -0.01 -21.93
CA GLU D 280 16.28 0.69 -23.12
C GLU D 280 15.10 1.47 -23.69
N LYS D 281 15.38 2.29 -24.70
CA LYS D 281 14.34 3.12 -25.27
C LYS D 281 14.57 3.36 -26.75
N TRP D 282 13.50 3.75 -27.41
CA TRP D 282 13.47 4.36 -28.74
C TRP D 282 13.30 5.88 -28.58
N TYR D 283 13.50 6.61 -29.68
CA TYR D 283 13.52 8.07 -29.63
C TYR D 283 12.67 8.65 -30.75
N LEU D 284 11.71 9.47 -30.38
CA LEU D 284 10.80 10.13 -31.31
C LEU D 284 11.26 11.57 -31.47
N GLY D 285 11.55 11.95 -32.71
CA GLY D 285 12.03 13.27 -33.02
C GLY D 285 10.94 14.07 -33.73
N ILE D 286 10.73 15.29 -33.25
CA ILE D 286 9.80 16.25 -33.83
C ILE D 286 10.63 17.31 -34.54
N VAL D 287 10.25 17.64 -35.78
CA VAL D 287 11.03 18.54 -36.62
C VAL D 287 10.10 19.62 -37.16
N VAL D 288 10.34 20.87 -36.75
CA VAL D 288 9.44 21.95 -37.10
C VAL D 288 10.21 23.09 -37.74
N PRO D 289 9.64 23.81 -38.71
CA PRO D 289 10.37 24.91 -39.35
C PRO D 289 10.55 26.09 -38.39
N VAL D 290 11.78 26.58 -38.30
CA VAL D 290 12.07 27.79 -37.54
C VAL D 290 11.22 28.95 -38.06
N SER D 291 10.82 28.89 -39.32
CA SER D 291 9.99 29.94 -39.91
C SER D 291 8.65 30.05 -39.19
N GLN D 292 7.89 28.97 -39.16
CA GLN D 292 6.54 29.02 -38.66
CA GLN D 292 6.54 28.98 -38.65
C GLN D 292 6.49 29.10 -37.14
N VAL D 293 7.59 28.78 -36.45
CA VAL D 293 7.60 28.88 -35.00
C VAL D 293 7.70 30.35 -34.58
N MET D 294 8.63 31.08 -35.20
CA MET D 294 8.89 32.45 -34.79
C MET D 294 7.70 33.36 -35.04
N ALA D 295 6.75 32.94 -35.89
CA ALA D 295 5.44 33.57 -35.99
C ALA D 295 4.57 33.06 -34.83
N ALA D 296 4.94 33.52 -33.63
CA ALA D 296 4.24 33.14 -32.40
C ALA D 296 3.19 34.16 -32.00
N BET E . 2.00 22.44 29.09
CA BET E . 2.51 23.80 29.40
C BET E . 2.71 24.11 30.90
O BET E . 3.33 25.15 31.22
OXT BET E . 2.27 23.34 31.81
C1 BET E . 0.76 22.16 29.76
C2 BET E . 1.75 22.35 27.66
C3 BET E . 2.99 21.41 29.38
HA2 BET E . 1.88 24.43 29.05
HA3 BET E . 3.37 23.90 28.95
H11 BET E . 0.39 21.32 29.42
H12 BET E . 0.13 22.87 29.59
H13 BET E . 0.91 22.08 30.71
H21 BET E . 1.57 21.41 27.42
H22 BET E . 2.51 22.66 27.17
H23 BET E . 0.97 22.89 27.43
H31 BET E . 2.64 20.54 29.16
H32 BET E . 3.21 21.43 30.33
H33 BET E . 3.80 21.58 28.86
C1 GOL F . -1.12 29.41 25.93
O1 GOL F . -0.59 30.70 25.93
C2 GOL F . -2.44 29.43 25.08
O2 GOL F . -3.37 30.31 25.61
C3 GOL F . -2.92 27.95 25.13
O3 GOL F . -3.91 27.80 24.16
H11 GOL F . -1.33 29.10 26.83
H12 GOL F . -0.51 28.76 25.56
HO1 GOL F . -0.68 31.00 25.14
H2 GOL F . -2.28 29.73 24.17
HO2 GOL F . -3.17 31.10 25.34
H31 GOL F . -3.23 27.74 26.02
H32 GOL F . -2.15 27.37 24.98
HO3 GOL F . -4.15 26.98 24.19
N BET G . 11.60 -7.79 5.21
CA BET G . 12.19 -8.06 3.90
C BET G . 11.50 -9.11 3.05
O BET G . 10.63 -9.89 3.51
OXT BET G . 11.83 -9.21 1.83
C1 BET G . 12.47 -6.81 5.82
C2 BET G . 10.25 -7.29 5.10
C3 BET G . 11.59 -8.98 6.04
HA2 BET G . 13.11 -8.34 4.03
HA3 BET G . 12.18 -7.22 3.39
H11 BET G . 12.20 -6.66 6.74
H12 BET G . 12.41 -5.97 5.33
H13 BET G . 13.39 -7.12 5.80
H21 BET G . 9.91 -7.08 5.99
H22 BET G . 9.69 -7.95 4.69
H23 BET G . 10.25 -6.49 4.55
H31 BET G . 11.30 -8.74 6.94
H32 BET G . 12.50 -9.35 6.09
H33 BET G . 10.99 -9.64 5.67
C1 GOL H . 19.52 -8.79 4.85
O1 GOL H . 20.58 -8.72 5.77
C2 GOL H . 20.00 -9.58 3.57
O2 GOL H . 21.16 -10.32 3.74
C3 GOL H . 20.18 -8.46 2.51
O3 GOL H . 20.26 -9.07 1.28
H11 GOL H . 19.21 -7.92 4.57
H12 GOL H . 18.74 -9.24 5.21
HO1 GOL H . 20.24 -8.37 6.49
H2 GOL H . 19.32 -10.24 3.33
HO2 GOL H . 21.43 -10.55 2.97
H31 GOL H . 20.97 -7.95 2.74
H32 GOL H . 19.44 -7.83 2.59
HO3 GOL H . 20.42 -8.45 0.71
N BET I . -17.04 -7.33 -8.38
CA BET I . -18.13 -7.86 -7.58
C BET I . -19.46 -7.07 -7.63
O BET I . -19.50 -5.89 -7.99
OXT BET I . -20.53 -7.63 -7.28
C1 BET I . -17.46 -7.13 -9.76
C2 BET I . -16.45 -6.13 -7.85
C3 BET I . -16.02 -8.38 -8.35
HA2 BET I . -17.84 -7.87 -6.66
HA3 BET I . -18.32 -8.76 -7.87
H11 BET I . -16.68 -7.05 -10.33
H12 BET I . -17.98 -6.30 -9.81
H13 BET I . -18.01 -7.87 -10.05
H21 BET I . -15.65 -5.91 -8.37
H22 BET I . -16.21 -6.26 -6.93
H23 BET I . -17.08 -5.40 -7.92
H31 BET I . -16.36 -9.17 -8.79
H32 BET I . -15.81 -8.59 -7.43
H33 BET I . -15.22 -8.07 -8.80
C1 GOL J . -14.79 -11.05 -1.07
O1 GOL J . -13.64 -10.60 -0.38
C2 GOL J . -16.06 -11.14 -0.09
O2 GOL J . -17.24 -11.29 -0.84
C3 GOL J . -15.72 -12.33 0.84
O3 GOL J . -16.92 -12.97 1.18
H11 GOL J . -14.65 -11.93 -1.45
H12 GOL J . -15.01 -10.47 -1.80
HO1 GOL J . -13.06 -10.41 -1.00
H2 GOL J . -16.19 -10.35 0.44
HO2 GOL J . -17.18 -11.97 -1.33
H31 GOL J . -15.23 -12.00 1.61
H32 GOL J . -15.09 -12.92 0.38
HO3 GOL J . -17.36 -12.44 1.68
N BET K . 10.09 -14.33 -36.84
CA BET K . 10.73 -15.35 -37.63
C BET K . 12.25 -15.40 -37.50
O BET K . 12.93 -14.36 -37.64
OXT BET K . 12.83 -16.50 -37.26
C1 BET K . 8.72 -14.80 -36.71
C2 BET K . 10.71 -14.20 -35.52
C3 BET K . 10.10 -13.07 -37.54
HA2 BET K . 10.38 -16.22 -37.36
HA3 BET K . 10.51 -15.20 -38.57
H11 BET K . 8.38 -15.05 -37.58
H12 BET K . 8.17 -14.09 -36.34
H13 BET K . 8.68 -15.56 -36.12
H21 BET K . 10.84 -15.08 -35.13
H22 BET K . 10.13 -13.67 -34.94
H23 BET K . 11.57 -13.75 -35.60
H31 BET K . 11.01 -12.81 -37.73
H32 BET K . 9.61 -13.16 -38.37
H33 BET K . 9.67 -12.39 -37.00
C1 GOL L . 8.19 -19.48 -43.16
O1 GOL L . 8.54 -20.85 -43.29
C2 GOL L . 7.00 -19.21 -44.14
O2 GOL L . 7.37 -18.54 -45.30
C3 GOL L . 6.02 -18.40 -43.24
O3 GOL L . 6.03 -17.07 -43.70
H11 GOL L . 8.91 -18.89 -43.38
H12 GOL L . 7.91 -19.25 -42.26
HO1 GOL L . 7.82 -21.31 -43.28
H2 GOL L . 6.61 -20.04 -44.47
HO2 GOL L . 7.91 -17.95 -45.09
H31 GOL L . 6.29 -18.49 -42.32
H32 GOL L . 5.14 -18.82 -43.29
HO3 GOL L . 5.69 -16.58 -43.08
#